data_9EVF
#
_entry.id   9EVF
#
_cell.length_a   107.210
_cell.length_b   108.340
_cell.length_c   98.550
_cell.angle_alpha   90.00
_cell.angle_beta   90.00
_cell.angle_gamma   90.00
#
_symmetry.space_group_name_H-M   'P 21 21 2'
#
loop_
_entity.id
_entity.type
_entity.pdbx_description
1 polymer 'Citramalate lyase, subunit A (cmlA)'
2 polymer 'Citramalate lyase, subunit B (cmlB)'
3 non-polymer "ADENOSINE-5'-DIPHOSPHATE"
4 non-polymer 'MAGNESIUM ION'
5 non-polymer 'PYRUVIC ACID'
6 non-polymer '2-(N-MORPHOLINO)-ETHANESULFONIC ACID'
7 non-polymer 'CHLORIDE ION'
8 water water
#
loop_
_entity_poly.entity_id
_entity_poly.type
_entity_poly.pdbx_seq_one_letter_code
_entity_poly.pdbx_strand_id
1 'polypeptide(L)'
;MARTFKILSPTAILGYGFPEESFRKAMEASPDLIAVDAGSSDPGPHYLGAGKPFTDRAGVKRDLRYMIVAGVKNNIPVVI
GTAGGSGAAPHLEWCRQIIHEIAQEEKLSFSMALIPSDVDKAIVHQALDNGKITALDFVPELTHEAIEESTYIVAQMGIE
PFQRALAAGAQVVLGGRAYDPACFAALPIMQGFDEGLALHCGKILECAAIAATPGSGSDCAMGIIDDSGFTLKAFNPKRK
FTETSAAAHTLYEKSDPYFLPGPGGVLNLKGCTFKAVNEGEVYVSGSRHEATPYALKLEGARRVGFRCLTIAGTRDPIMI
AGIDNILEEVQTSVARNLSLNDDSIRMTFHLYGKNGVMGNHEPMKTAGHELGILLDVVAPTQDIANSVCSLVRSTLLHYG
YENRIATAGNLAFPFSPSDIQSGPVYEFSIYHLIEASDALRFDFHIEQVTPEGVQA
;
A,C
2 'polypeptide(L)'
;MKQSLCSLAQVIRSKNAGPYELVLDILFKTREDYQRVKRSEQLTPQLIAGLYNVKPDFIHRIIWFDPANAVKIVMPRDII
SGNVGDNDVYGAQQHAPLLSIEFDF
;
B,D
#
loop_
_chem_comp.id
_chem_comp.type
_chem_comp.name
_chem_comp.formula
ADP non-polymer ADENOSINE-5'-DIPHOSPHATE 'C10 H15 N5 O10 P2'
CL non-polymer 'CHLORIDE ION' 'Cl -1'
MES non-polymer '2-(N-MORPHOLINO)-ETHANESULFONIC ACID' 'C6 H13 N O4 S'
MG non-polymer 'MAGNESIUM ION' 'Mg 2'
PYR non-polymer 'PYRUVIC ACID' 'C3 H4 O3'
#
# COMPACT_ATOMS: atom_id res chain seq x y z
N MET A 1 -47.91 28.35 -10.83
CA MET A 1 -46.62 28.95 -10.40
C MET A 1 -46.39 28.64 -8.92
N ALA A 2 -45.30 27.93 -8.63
CA ALA A 2 -44.93 27.59 -7.27
C ALA A 2 -44.00 28.67 -6.70
N ARG A 3 -44.15 28.95 -5.41
CA ARG A 3 -43.38 30.04 -4.76
C ARG A 3 -42.07 29.47 -4.23
N THR A 4 -41.94 28.15 -4.18
CA THR A 4 -40.70 27.54 -3.65
C THR A 4 -40.26 26.41 -4.57
N PHE A 5 -38.97 26.12 -4.54
CA PHE A 5 -38.43 24.99 -5.28
C PHE A 5 -37.53 24.20 -4.36
N LYS A 6 -37.84 22.92 -4.17
CA LYS A 6 -37.14 22.10 -3.19
C LYS A 6 -36.22 21.11 -3.87
N ILE A 7 -34.94 21.12 -3.50
CA ILE A 7 -33.92 20.25 -4.11
C ILE A 7 -33.41 19.29 -3.06
N LEU A 8 -33.49 18.00 -3.37
CA LEU A 8 -32.92 16.96 -2.52
C LEU A 8 -31.57 16.50 -3.07
N SER A 9 -30.51 16.70 -2.27
CA SER A 9 -29.19 16.15 -2.59
C SER A 9 -28.91 14.97 -1.66
N PRO A 10 -28.87 13.74 -2.19
CA PRO A 10 -28.90 12.55 -1.31
C PRO A 10 -27.57 12.21 -0.66
N THR A 11 -26.46 12.53 -1.32
CA THR A 11 -25.14 12.07 -0.89
C THR A 11 -24.11 12.96 -1.58
N ALA A 12 -22.87 12.93 -1.08
CA ALA A 12 -21.88 13.87 -1.61
C ALA A 12 -21.45 13.49 -3.02
N ILE A 13 -21.24 12.20 -3.25
CA ILE A 13 -20.94 11.66 -4.58
C ILE A 13 -21.82 10.44 -4.74
N LEU A 14 -22.55 10.35 -5.85
CA LEU A 14 -23.34 9.16 -6.13
C LEU A 14 -22.51 7.90 -5.95
N GLY A 15 -23.00 7.01 -5.08
CA GLY A 15 -22.26 5.81 -4.68
C GLY A 15 -21.75 5.83 -3.26
N TYR A 16 -21.57 7.01 -2.66
CA TYR A 16 -21.07 7.10 -1.29
C TYR A 16 -22.07 6.61 -0.26
N GLY A 17 -23.36 6.49 -0.60
CA GLY A 17 -24.35 5.99 0.31
C GLY A 17 -25.04 7.06 1.14
N PHE A 18 -25.99 6.61 1.95
CA PHE A 18 -26.75 7.48 2.83
C PHE A 18 -27.66 6.60 3.69
N PRO A 19 -28.03 7.06 4.88
CA PRO A 19 -29.00 6.31 5.68
C PRO A 19 -30.37 6.26 5.00
N GLU A 20 -30.93 5.06 4.97
CA GLU A 20 -32.27 4.87 4.37
C GLU A 20 -33.27 5.80 5.07
N GLU A 21 -33.14 5.98 6.38
CA GLU A 21 -34.09 6.83 7.10
C GLU A 21 -33.96 8.29 6.68
N SER A 22 -32.74 8.76 6.43
CA SER A 22 -32.55 10.14 5.98
C SER A 22 -33.24 10.37 4.64
N PHE A 23 -33.08 9.42 3.71
CA PHE A 23 -33.70 9.58 2.40
C PHE A 23 -35.22 9.54 2.50
N ARG A 24 -35.74 8.65 3.34
CA ARG A 24 -37.20 8.52 3.56
C ARG A 24 -37.75 9.85 4.09
N LYS A 25 -37.10 10.40 5.11
CA LYS A 25 -37.52 11.69 5.68
C LYS A 25 -37.40 12.80 4.66
N ALA A 26 -36.34 12.77 3.84
CA ALA A 26 -36.20 13.77 2.79
C ALA A 26 -37.35 13.70 1.78
N MET A 27 -37.73 12.49 1.36
CA MET A 27 -38.84 12.35 0.42
C MET A 27 -40.15 12.87 0.99
N GLU A 28 -40.33 12.77 2.31
CA GLU A 28 -41.54 13.30 2.94
C GLU A 28 -41.65 14.81 2.78
N ALA A 29 -40.53 15.49 2.57
CA ALA A 29 -40.53 16.93 2.29
C ALA A 29 -40.98 17.25 0.87
N SER A 30 -41.27 16.23 0.05
CA SER A 30 -41.80 16.42 -1.29
C SER A 30 -40.89 17.30 -2.14
N PRO A 31 -39.68 16.82 -2.46
CA PRO A 31 -38.78 17.62 -3.30
C PRO A 31 -39.35 17.80 -4.70
N ASP A 32 -38.96 18.90 -5.32
CA ASP A 32 -39.28 19.11 -6.74
C ASP A 32 -38.21 18.54 -7.65
N LEU A 33 -37.08 18.11 -7.10
CA LEU A 33 -35.93 17.62 -7.86
C LEU A 33 -35.08 16.76 -6.94
N ILE A 34 -34.66 15.61 -7.44
CA ILE A 34 -33.61 14.80 -6.82
C ILE A 34 -32.39 14.97 -7.73
N ALA A 35 -31.36 15.60 -7.20
CA ALA A 35 -30.16 15.87 -7.98
C ALA A 35 -28.96 15.38 -7.20
N VAL A 36 -27.93 14.97 -7.92
CA VAL A 36 -26.72 14.47 -7.25
C VAL A 36 -25.52 14.67 -8.15
N ASP A 37 -24.37 14.89 -7.53
CA ASP A 37 -23.11 14.89 -8.25
C ASP A 37 -22.57 13.47 -8.25
N ALA A 38 -22.14 13.00 -9.43
CA ALA A 38 -21.57 11.66 -9.53
C ALA A 38 -20.06 11.65 -9.74
N GLY A 39 -19.41 12.82 -9.78
CA GLY A 39 -17.99 12.80 -10.07
C GLY A 39 -17.27 14.07 -9.70
N SER A 40 -15.95 14.03 -9.89
CA SER A 40 -15.03 15.00 -9.32
C SER A 40 -13.67 14.78 -9.97
N SER A 41 -12.86 15.85 -9.98
CA SER A 41 -11.46 15.70 -10.36
C SER A 41 -10.55 15.42 -9.17
N ASP A 42 -11.04 15.58 -7.94
CA ASP A 42 -10.17 15.45 -6.77
C ASP A 42 -9.50 14.09 -6.66
N PRO A 43 -10.14 12.96 -6.98
CA PRO A 43 -9.47 11.65 -6.82
C PRO A 43 -8.25 11.46 -7.71
N GLY A 44 -7.93 12.43 -8.57
CA GLY A 44 -6.74 12.39 -9.39
C GLY A 44 -7.00 11.91 -10.82
N PRO A 45 -5.94 11.93 -11.64
CA PRO A 45 -6.11 11.74 -13.10
C PRO A 45 -6.31 10.31 -13.55
N HIS A 46 -6.10 9.31 -12.70
CA HIS A 46 -6.25 7.94 -13.16
C HIS A 46 -7.65 7.70 -13.72
N TYR A 47 -8.66 8.25 -13.05
CA TYR A 47 -10.02 7.81 -13.32
C TYR A 47 -10.51 8.33 -14.68
N LEU A 48 -10.27 9.60 -14.98
CA LEU A 48 -10.53 10.08 -16.32
C LEU A 48 -9.60 9.41 -17.33
N GLY A 49 -8.32 9.30 -17.01
CA GLY A 49 -7.37 8.86 -18.01
C GLY A 49 -7.56 7.40 -18.40
N ALA A 50 -7.81 6.55 -17.41
CA ALA A 50 -8.04 5.13 -17.66
C ALA A 50 -9.48 4.78 -17.96
N GLY A 51 -10.40 5.75 -17.87
CA GLY A 51 -11.79 5.43 -18.14
C GLY A 51 -12.46 4.63 -17.05
N LYS A 52 -12.08 4.85 -15.79
CA LYS A 52 -12.55 4.00 -14.70
C LYS A 52 -13.26 4.82 -13.63
N PRO A 53 -14.13 4.18 -12.85
CA PRO A 53 -14.85 4.89 -11.78
C PRO A 53 -14.04 4.93 -10.49
N PHE A 54 -14.12 6.05 -9.78
CA PHE A 54 -13.58 6.08 -8.42
C PHE A 54 -14.62 5.69 -7.38
N THR A 55 -15.88 5.55 -7.79
CA THR A 55 -16.93 5.03 -6.94
C THR A 55 -17.17 3.55 -7.25
N ASP A 56 -17.96 2.92 -6.41
CA ASP A 56 -18.21 1.49 -6.51
C ASP A 56 -19.51 1.20 -7.22
N ARG A 57 -19.47 0.24 -8.15
CA ARG A 57 -20.68 -0.08 -8.92
C ARG A 57 -21.83 -0.50 -8.01
N ALA A 58 -21.56 -1.36 -7.03
CA ALA A 58 -22.64 -1.79 -6.14
C ALA A 58 -23.19 -0.60 -5.36
N GLY A 59 -22.31 0.29 -4.91
CA GLY A 59 -22.76 1.47 -4.17
C GLY A 59 -23.56 2.42 -5.02
N VAL A 60 -23.10 2.67 -6.26
CA VAL A 60 -23.84 3.54 -7.17
C VAL A 60 -25.22 2.94 -7.44
N LYS A 61 -25.27 1.63 -7.70
CA LYS A 61 -26.56 0.97 -7.96
C LYS A 61 -27.48 1.06 -6.75
N ARG A 62 -26.93 0.83 -5.55
CA ARG A 62 -27.75 0.90 -4.34
C ARG A 62 -28.35 2.29 -4.17
N ASP A 63 -27.53 3.33 -4.37
CA ASP A 63 -27.99 4.72 -4.24
C ASP A 63 -29.03 5.05 -5.31
N LEU A 64 -28.73 4.70 -6.55
CA LEU A 64 -29.66 5.01 -7.65
C LEU A 64 -30.99 4.30 -7.49
N ARG A 65 -31.01 3.12 -6.90
CA ARG A 65 -32.28 2.42 -6.75
C ARG A 65 -33.26 3.25 -5.93
N TYR A 66 -32.79 3.81 -4.80
CA TYR A 66 -33.63 4.71 -4.02
C TYR A 66 -34.09 5.89 -4.86
N MET A 67 -33.16 6.51 -5.57
CA MET A 67 -33.43 7.79 -6.24
C MET A 67 -34.40 7.60 -7.40
N ILE A 68 -34.15 6.62 -8.26
CA ILE A 68 -34.96 6.43 -9.45
C ILE A 68 -36.34 5.89 -9.08
N VAL A 69 -36.42 4.95 -8.13
CA VAL A 69 -37.72 4.49 -7.66
C VAL A 69 -38.54 5.67 -7.15
N ALA A 70 -37.93 6.53 -6.33
CA ALA A 70 -38.66 7.66 -5.77
C ALA A 70 -39.02 8.69 -6.83
N GLY A 71 -38.11 8.96 -7.77
CA GLY A 71 -38.39 9.96 -8.79
C GLY A 71 -39.50 9.53 -9.71
N VAL A 72 -39.44 8.29 -10.19
CA VAL A 72 -40.48 7.78 -11.07
C VAL A 72 -41.81 7.67 -10.34
N LYS A 73 -41.79 7.26 -9.08
CA LYS A 73 -43.05 7.08 -8.30
C LYS A 73 -43.74 8.43 -8.02
N ASN A 74 -42.96 9.48 -7.88
CA ASN A 74 -43.53 10.77 -7.48
C ASN A 74 -43.49 11.80 -8.61
N ASN A 75 -43.13 11.39 -9.82
CA ASN A 75 -43.01 12.31 -10.94
C ASN A 75 -42.12 13.50 -10.60
N ILE A 76 -40.95 13.19 -10.04
CA ILE A 76 -39.91 14.17 -9.64
C ILE A 76 -38.71 13.90 -10.54
N PRO A 77 -38.16 14.86 -11.31
CA PRO A 77 -37.03 14.55 -12.14
C PRO A 77 -35.77 14.11 -11.37
N VAL A 78 -34.93 13.26 -11.97
CA VAL A 78 -33.66 12.88 -11.18
C VAL A 78 -32.55 13.37 -12.09
N VAL A 79 -31.64 14.21 -11.62
CA VAL A 79 -30.59 14.81 -12.45
C VAL A 79 -29.23 14.45 -11.85
N ILE A 80 -28.35 13.91 -12.70
CA ILE A 80 -27.04 13.41 -12.31
C ILE A 80 -25.97 14.10 -13.17
N GLY A 81 -24.96 14.68 -12.52
CA GLY A 81 -23.84 15.27 -13.23
C GLY A 81 -22.57 14.46 -13.07
N THR A 82 -21.72 14.51 -14.08
CA THR A 82 -20.44 13.79 -14.07
C THR A 82 -20.65 12.30 -13.81
N ALA A 83 -21.52 11.71 -14.62
CA ALA A 83 -21.88 10.30 -14.49
C ALA A 83 -20.64 9.43 -14.44
N GLY A 84 -20.66 8.45 -13.53
CA GLY A 84 -19.61 7.45 -13.51
C GLY A 84 -18.30 7.90 -12.92
N GLY A 85 -18.28 8.99 -12.17
CA GLY A 85 -17.07 9.47 -11.51
C GLY A 85 -16.30 10.52 -12.27
N SER A 86 -16.17 10.36 -13.59
CA SER A 86 -15.39 11.27 -14.38
C SER A 86 -16.14 11.82 -15.60
N GLY A 87 -17.23 11.17 -16.02
CA GLY A 87 -18.11 11.81 -16.99
C GLY A 87 -17.66 11.77 -18.42
N ALA A 88 -16.66 10.95 -18.75
CA ALA A 88 -16.31 10.68 -20.13
C ALA A 88 -17.20 9.55 -20.65
N ALA A 89 -17.03 9.24 -21.94
CA ALA A 89 -17.89 8.24 -22.58
C ALA A 89 -17.95 6.91 -21.83
N PRO A 90 -16.83 6.30 -21.41
CA PRO A 90 -16.95 5.04 -20.65
C PRO A 90 -17.64 5.20 -19.31
N HIS A 91 -17.43 6.32 -18.62
CA HIS A 91 -18.09 6.53 -17.33
C HIS A 91 -19.61 6.70 -17.51
N LEU A 92 -20.00 7.42 -18.57
CA LEU A 92 -21.43 7.59 -18.86
C LEU A 92 -22.08 6.27 -19.17
N GLU A 93 -21.43 5.44 -20.00
CA GLU A 93 -21.97 4.13 -20.34
C GLU A 93 -22.05 3.23 -19.13
N TRP A 94 -21.05 3.29 -18.26
CA TRP A 94 -21.04 2.48 -17.05
C TRP A 94 -22.25 2.80 -16.19
N CYS A 95 -22.51 4.09 -15.95
CA CYS A 95 -23.67 4.46 -15.14
C CYS A 95 -24.97 4.17 -15.86
N ARG A 96 -24.98 4.33 -17.19
CA ARG A 96 -26.17 4.02 -17.97
C ARG A 96 -26.60 2.57 -17.77
N GLN A 97 -25.64 1.64 -17.81
CA GLN A 97 -25.99 0.23 -17.67
C GLN A 97 -26.54 -0.06 -16.28
N ILE A 98 -25.99 0.57 -15.25
CA ILE A 98 -26.52 0.41 -13.91
C ILE A 98 -28.00 0.79 -13.88
N ILE A 99 -28.36 1.90 -14.54
CA ILE A 99 -29.75 2.35 -14.53
C ILE A 99 -30.65 1.37 -15.28
N HIS A 100 -30.20 0.85 -16.42
CA HIS A 100 -30.99 -0.16 -17.12
C HIS A 100 -31.27 -1.35 -16.21
N GLU A 101 -30.28 -1.78 -15.44
CA GLU A 101 -30.48 -2.90 -14.54
C GLU A 101 -31.51 -2.56 -13.47
N ILE A 102 -31.47 -1.36 -12.92
CA ILE A 102 -32.48 -0.96 -11.95
C ILE A 102 -33.88 -1.02 -12.56
N ALA A 103 -34.03 -0.53 -13.78
CA ALA A 103 -35.35 -0.55 -14.44
C ALA A 103 -35.83 -1.97 -14.65
N GLN A 104 -34.93 -2.90 -14.98
CA GLN A 104 -35.32 -4.29 -15.13
C GLN A 104 -35.75 -4.88 -13.79
N GLU A 105 -34.98 -4.61 -12.75
CA GLU A 105 -35.24 -5.24 -11.45
C GLU A 105 -36.45 -4.64 -10.76
N GLU A 106 -36.67 -3.34 -10.93
CA GLU A 106 -37.76 -2.65 -10.28
C GLU A 106 -39.00 -2.55 -11.15
N LYS A 107 -38.91 -3.10 -12.36
CA LYS A 107 -40.03 -3.12 -13.33
C LYS A 107 -40.54 -1.70 -13.57
N LEU A 108 -39.62 -0.80 -13.90
CA LEU A 108 -39.92 0.59 -14.20
C LEU A 108 -39.70 0.92 -15.67
N SER A 109 -40.50 1.86 -16.18
CA SER A 109 -40.30 2.48 -17.47
C SER A 109 -40.22 3.99 -17.28
N PHE A 110 -39.29 4.63 -17.98
CA PHE A 110 -39.12 6.07 -17.87
C PHE A 110 -38.21 6.54 -19.00
N SER A 111 -38.31 7.82 -19.32
CA SER A 111 -37.43 8.41 -20.31
C SER A 111 -36.14 8.87 -19.64
N MET A 112 -35.00 8.62 -20.29
CA MET A 112 -33.72 9.03 -19.74
C MET A 112 -32.94 9.78 -20.81
N ALA A 113 -32.45 10.97 -20.49
CA ALA A 113 -31.59 11.71 -21.39
C ALA A 113 -30.14 11.44 -21.01
N LEU A 114 -29.32 11.28 -22.05
N LEU A 114 -29.32 11.30 -22.05
CA LEU A 114 -27.86 11.10 -21.93
CA LEU A 114 -27.85 11.11 -21.92
C LEU A 114 -27.21 12.36 -22.51
C LEU A 114 -27.18 12.34 -22.55
N ILE A 115 -26.33 13.02 -21.78
CA ILE A 115 -25.67 14.22 -22.28
C ILE A 115 -24.16 13.98 -22.25
N PRO A 116 -23.55 13.52 -23.34
CA PRO A 116 -22.10 13.29 -23.34
C PRO A 116 -21.33 14.59 -23.26
N SER A 117 -20.15 14.53 -22.65
CA SER A 117 -19.26 15.69 -22.52
C SER A 117 -17.93 15.51 -23.24
N ASP A 118 -17.77 14.42 -23.99
CA ASP A 118 -16.52 14.17 -24.67
C ASP A 118 -16.26 15.21 -25.76
N VAL A 119 -14.99 15.59 -25.89
CA VAL A 119 -14.56 16.57 -26.89
C VAL A 119 -13.49 15.93 -27.75
N ASP A 120 -13.70 15.95 -29.07
CA ASP A 120 -12.73 15.34 -29.97
C ASP A 120 -11.43 16.12 -29.97
N LYS A 121 -10.31 15.38 -30.05
CA LYS A 121 -9.01 16.05 -30.03
C LYS A 121 -8.89 17.10 -31.12
N ALA A 122 -9.47 16.84 -32.30
CA ALA A 122 -9.36 17.80 -33.40
C ALA A 122 -9.91 19.16 -33.00
N ILE A 123 -11.01 19.18 -32.23
CA ILE A 123 -11.58 20.45 -31.81
C ILE A 123 -10.61 21.22 -30.93
N VAL A 124 -9.92 20.50 -30.03
CA VAL A 124 -8.99 21.15 -29.12
C VAL A 124 -7.74 21.62 -29.86
N HIS A 125 -7.24 20.80 -30.80
CA HIS A 125 -6.13 21.23 -31.64
C HIS A 125 -6.48 22.53 -32.36
N GLN A 126 -7.63 22.55 -33.02
CA GLN A 126 -8.02 23.75 -33.76
C GLN A 126 -8.16 24.94 -32.83
N ALA A 127 -8.79 24.74 -31.66
CA ALA A 127 -8.96 25.86 -30.74
C ALA A 127 -7.62 26.41 -30.26
N LEU A 128 -6.64 25.52 -30.01
CA LEU A 128 -5.33 26.00 -29.61
C LEU A 128 -4.74 26.91 -30.67
N ASP A 129 -4.77 26.46 -31.93
CA ASP A 129 -4.20 27.25 -33.02
C ASP A 129 -4.94 28.57 -33.22
N ASN A 130 -6.25 28.59 -32.93
CA ASN A 130 -7.06 29.79 -33.13
C ASN A 130 -7.05 30.73 -31.93
N GLY A 131 -6.25 30.43 -30.90
CA GLY A 131 -6.15 31.30 -29.74
C GLY A 131 -7.34 31.26 -28.81
N LYS A 132 -8.08 30.14 -28.83
CA LYS A 132 -9.32 30.03 -28.03
C LYS A 132 -9.11 29.24 -26.73
N ILE A 133 -7.86 28.91 -26.39
CA ILE A 133 -7.55 28.14 -25.19
C ILE A 133 -6.87 29.05 -24.17
N THR A 134 -7.32 28.98 -22.91
CA THR A 134 -6.70 29.73 -21.80
C THR A 134 -6.38 28.77 -20.66
N ALA A 135 -5.15 28.81 -20.15
CA ALA A 135 -4.78 28.02 -19.00
C ALA A 135 -5.38 28.62 -17.73
N LEU A 136 -5.88 27.77 -16.85
CA LEU A 136 -6.30 28.24 -15.54
C LEU A 136 -5.05 28.55 -14.69
N ASP A 137 -5.28 29.06 -13.48
CA ASP A 137 -4.16 29.47 -12.62
C ASP A 137 -3.17 28.32 -12.41
N PHE A 138 -1.88 28.62 -12.62
CA PHE A 138 -0.75 27.71 -12.38
C PHE A 138 -0.71 26.52 -13.33
N VAL A 139 -1.56 26.47 -14.33
CA VAL A 139 -1.59 25.37 -15.29
C VAL A 139 -0.60 25.65 -16.41
N PRO A 140 0.18 24.66 -16.85
CA PRO A 140 1.12 24.91 -17.95
C PRO A 140 0.38 25.24 -19.24
N GLU A 141 1.06 25.97 -20.11
CA GLU A 141 0.47 26.25 -21.42
C GLU A 141 0.24 24.95 -22.18
N LEU A 142 -0.88 24.87 -22.88
CA LEU A 142 -1.26 23.67 -23.60
C LEU A 142 -0.47 23.57 -24.90
N THR A 143 -0.05 22.36 -25.23
CA THR A 143 0.66 22.09 -26.48
C THR A 143 -0.10 21.05 -27.30
N HIS A 144 0.19 20.99 -28.60
CA HIS A 144 -0.41 19.97 -29.44
C HIS A 144 -0.01 18.58 -28.99
N GLU A 145 1.25 18.41 -28.59
CA GLU A 145 1.70 17.11 -28.11
C GLU A 145 0.88 16.66 -26.89
N ALA A 146 0.64 17.56 -25.94
CA ALA A 146 -0.14 17.19 -24.76
C ALA A 146 -1.58 16.81 -25.13
N ILE A 147 -2.18 17.51 -26.10
CA ILE A 147 -3.51 17.13 -26.56
C ILE A 147 -3.48 15.73 -27.16
N GLU A 148 -2.53 15.49 -28.05
CA GLU A 148 -2.44 14.21 -28.81
C GLU A 148 -2.21 13.03 -27.87
N GLU A 149 -1.45 13.23 -26.82
CA GLU A 149 -1.11 12.14 -25.91
C GLU A 149 -2.10 11.94 -24.78
N SER A 150 -3.09 12.82 -24.64
CA SER A 150 -4.15 12.58 -23.67
C SER A 150 -5.05 11.46 -24.15
N THR A 151 -5.83 10.91 -23.22
CA THR A 151 -6.84 9.94 -23.59
C THR A 151 -8.18 10.66 -23.71
N TYR A 152 -9.11 10.40 -22.80
CA TYR A 152 -10.42 11.02 -22.83
C TYR A 152 -10.32 12.50 -22.47
N ILE A 153 -10.94 13.35 -23.28
CA ILE A 153 -11.02 14.78 -23.00
C ILE A 153 -12.49 15.11 -22.81
N VAL A 154 -12.80 15.80 -21.72
CA VAL A 154 -14.18 16.20 -21.41
C VAL A 154 -14.28 17.69 -21.12
N ALA A 155 -15.46 18.24 -21.39
CA ALA A 155 -15.79 19.62 -21.05
C ALA A 155 -16.86 19.64 -19.97
N GLN A 156 -16.71 20.52 -18.98
CA GLN A 156 -17.65 20.63 -17.87
C GLN A 156 -18.86 21.47 -18.31
N MET A 157 -19.97 20.79 -18.54
CA MET A 157 -21.18 21.47 -18.98
C MET A 157 -21.79 22.33 -17.88
N GLY A 158 -22.57 23.32 -18.29
CA GLY A 158 -23.33 24.17 -17.41
C GLY A 158 -24.79 23.78 -17.35
N ILE A 159 -25.64 24.75 -16.98
CA ILE A 159 -27.07 24.45 -16.81
C ILE A 159 -27.76 24.13 -18.12
N GLU A 160 -27.32 24.74 -19.23
CA GLU A 160 -28.14 24.76 -20.44
C GLU A 160 -28.44 23.39 -21.03
N PRO A 161 -27.45 22.49 -21.13
CA PRO A 161 -27.77 21.14 -21.64
C PRO A 161 -28.78 20.40 -20.77
N PHE A 162 -28.63 20.48 -19.45
CA PHE A 162 -29.62 19.90 -18.55
C PHE A 162 -30.99 20.46 -18.83
N GLN A 163 -31.08 21.78 -19.01
CA GLN A 163 -32.38 22.41 -19.22
C GLN A 163 -33.03 21.92 -20.51
N ARG A 164 -32.24 21.71 -21.56
CA ARG A 164 -32.81 21.24 -22.81
C ARG A 164 -33.35 19.81 -22.66
N ALA A 165 -32.59 18.96 -21.95
CA ALA A 165 -33.07 17.60 -21.71
C ALA A 165 -34.33 17.59 -20.86
N LEU A 166 -34.37 18.42 -19.81
CA LEU A 166 -35.56 18.48 -18.97
C LEU A 166 -36.76 19.01 -19.76
N ALA A 167 -36.54 20.02 -20.60
CA ALA A 167 -37.64 20.60 -21.37
C ALA A 167 -38.21 19.59 -22.36
N ALA A 168 -37.38 18.64 -22.81
CA ALA A 168 -37.82 17.57 -23.70
C ALA A 168 -38.59 16.47 -22.98
N GLY A 169 -38.77 16.56 -21.68
CA GLY A 169 -39.55 15.59 -20.93
C GLY A 169 -38.76 14.49 -20.22
N ALA A 170 -37.43 14.55 -20.23
CA ALA A 170 -36.65 13.47 -19.64
C ALA A 170 -36.94 13.37 -18.14
N GLN A 171 -37.26 12.15 -17.68
CA GLN A 171 -37.51 11.90 -16.26
C GLN A 171 -36.22 11.66 -15.47
N VAL A 172 -35.22 11.11 -16.13
CA VAL A 172 -33.87 10.94 -15.58
C VAL A 172 -32.92 11.59 -16.56
N VAL A 173 -32.06 12.47 -16.06
CA VAL A 173 -31.07 13.15 -16.88
C VAL A 173 -29.71 12.68 -16.42
N LEU A 174 -29.00 11.99 -17.29
CA LEU A 174 -27.66 11.47 -16.98
C LEU A 174 -26.64 12.26 -17.78
N GLY A 175 -25.99 13.21 -17.13
CA GLY A 175 -25.04 14.07 -17.79
C GLY A 175 -23.61 13.57 -17.61
N GLY A 176 -22.80 13.77 -18.64
CA GLY A 176 -21.37 13.58 -18.50
C GLY A 176 -20.76 14.66 -17.63
N ARG A 177 -19.46 14.86 -17.77
CA ARG A 177 -18.75 15.83 -16.93
C ARG A 177 -19.49 17.16 -16.89
N ALA A 178 -19.68 17.67 -15.67
CA ALA A 178 -20.55 18.82 -15.48
C ALA A 178 -20.07 19.66 -14.30
N TYR A 179 -20.37 20.97 -14.36
CA TYR A 179 -20.08 21.94 -13.29
C TYR A 179 -21.03 21.51 -12.16
N ASP A 180 -20.53 21.22 -10.97
CA ASP A 180 -21.36 20.56 -9.93
C ASP A 180 -22.60 21.37 -9.57
N PRO A 181 -22.58 22.72 -9.39
CA PRO A 181 -23.81 23.41 -9.08
C PRO A 181 -24.87 23.34 -10.17
N ALA A 182 -24.49 23.13 -11.44
CA ALA A 182 -25.46 23.13 -12.53
C ALA A 182 -26.45 21.98 -12.42
N CYS A 183 -26.00 20.82 -11.93
N CYS A 183 -26.04 20.81 -11.94
CA CYS A 183 -26.92 19.70 -11.72
CA CYS A 183 -27.04 19.76 -11.89
C CYS A 183 -28.14 20.14 -10.94
C CYS A 183 -28.13 20.01 -10.85
N PHE A 184 -27.91 20.95 -9.92
CA PHE A 184 -28.94 21.32 -8.95
C PHE A 184 -29.71 22.54 -9.42
N ALA A 185 -29.03 23.46 -10.08
CA ALA A 185 -29.62 24.76 -10.39
C ALA A 185 -30.38 24.80 -11.71
N ALA A 186 -30.11 23.87 -12.63
CA ALA A 186 -30.68 23.98 -13.99
C ALA A 186 -32.20 24.07 -13.95
N LEU A 187 -32.85 23.12 -13.26
CA LEU A 187 -34.31 23.10 -13.24
C LEU A 187 -34.91 24.33 -12.59
N PRO A 188 -34.55 24.71 -11.36
CA PRO A 188 -35.19 25.90 -10.77
C PRO A 188 -34.97 27.14 -11.61
N ILE A 189 -33.79 27.29 -12.23
CA ILE A 189 -33.58 28.48 -13.06
C ILE A 189 -34.54 28.51 -14.23
N MET A 190 -34.71 27.40 -14.93
CA MET A 190 -35.64 27.45 -16.06
C MET A 190 -37.08 27.66 -15.62
N GLN A 191 -37.39 27.39 -14.36
CA GLN A 191 -38.71 27.64 -13.80
C GLN A 191 -38.86 29.05 -13.29
N GLY A 192 -37.83 29.89 -13.41
CA GLY A 192 -37.95 31.29 -13.06
C GLY A 192 -37.31 31.70 -11.76
N PHE A 193 -36.69 30.77 -11.03
CA PHE A 193 -36.06 31.13 -9.77
C PHE A 193 -34.71 31.78 -10.03
N ASP A 194 -34.25 32.57 -9.05
CA ASP A 194 -33.12 33.47 -9.25
C ASP A 194 -31.85 32.68 -9.57
N GLU A 195 -31.13 33.11 -10.60
N GLU A 195 -31.11 33.13 -10.58
CA GLU A 195 -29.91 32.42 -10.99
CA GLU A 195 -29.91 32.41 -10.99
C GLU A 195 -28.90 32.39 -9.85
C GLU A 195 -28.83 32.40 -9.91
N GLY A 196 -28.63 33.55 -9.23
CA GLY A 196 -27.63 33.59 -8.17
C GLY A 196 -27.99 32.66 -7.01
N LEU A 197 -29.22 32.77 -6.52
CA LEU A 197 -29.67 31.91 -5.43
C LEU A 197 -29.59 30.44 -5.83
N ALA A 198 -30.02 30.10 -7.04
CA ALA A 198 -30.06 28.71 -7.46
C ALA A 198 -28.64 28.14 -7.58
N LEU A 199 -27.72 28.88 -8.19
CA LEU A 199 -26.35 28.39 -8.32
C LEU A 199 -25.65 28.35 -6.96
N HIS A 200 -25.86 29.34 -6.12
CA HIS A 200 -25.25 29.30 -4.79
C HIS A 200 -25.80 28.14 -3.99
N CYS A 201 -27.10 27.89 -4.10
CA CYS A 201 -27.70 26.74 -3.42
C CYS A 201 -27.10 25.44 -3.96
N GLY A 202 -26.95 25.33 -5.28
CA GLY A 202 -26.27 24.15 -5.83
C GLY A 202 -24.86 23.97 -5.32
N LYS A 203 -24.13 25.09 -5.15
CA LYS A 203 -22.77 24.96 -4.64
C LYS A 203 -22.77 24.44 -3.21
N ILE A 204 -23.67 24.91 -2.37
CA ILE A 204 -23.70 24.44 -0.99
C ILE A 204 -24.17 22.99 -0.92
N LEU A 205 -25.02 22.57 -1.86
CA LEU A 205 -25.56 21.22 -1.91
C LEU A 205 -24.66 20.24 -2.65
N GLU A 206 -23.56 20.70 -3.26
CA GLU A 206 -22.83 19.82 -4.18
C GLU A 206 -22.29 18.57 -3.49
N CYS A 207 -22.06 18.62 -2.19
CA CYS A 207 -21.63 17.47 -1.41
C CYS A 207 -22.64 17.05 -0.35
N ALA A 208 -23.93 17.40 -0.56
CA ALA A 208 -24.95 17.04 0.40
C ALA A 208 -24.52 17.38 1.81
N ALA A 209 -24.50 16.40 2.71
CA ALA A 209 -24.29 16.67 4.12
C ALA A 209 -22.86 17.05 4.51
N ILE A 210 -21.91 17.18 3.57
CA ILE A 210 -20.63 17.78 3.96
C ILE A 210 -20.85 19.22 4.41
N ALA A 211 -21.92 19.86 3.94
CA ALA A 211 -22.26 21.23 4.30
C ALA A 211 -23.00 21.34 5.63
N ALA A 212 -23.36 20.20 6.24
CA ALA A 212 -23.98 20.17 7.56
C ALA A 212 -22.91 19.88 8.60
N THR A 213 -23.31 19.85 9.88
CA THR A 213 -22.36 19.59 10.94
C THR A 213 -23.02 18.77 12.05
N PRO A 214 -22.33 17.75 12.57
CA PRO A 214 -21.06 17.23 12.05
C PRO A 214 -21.26 16.77 10.61
N GLY A 215 -20.26 16.90 9.75
CA GLY A 215 -20.46 16.60 8.34
C GLY A 215 -20.51 15.11 8.05
N SER A 216 -20.99 14.77 6.86
CA SER A 216 -20.93 13.40 6.38
C SER A 216 -20.96 13.44 4.85
N GLY A 217 -20.06 12.67 4.24
CA GLY A 217 -20.10 12.44 2.81
C GLY A 217 -21.23 11.55 2.36
N SER A 218 -22.02 11.05 3.31
CA SER A 218 -22.99 9.99 3.11
C SER A 218 -24.29 10.31 3.84
N ASP A 219 -24.83 11.51 3.62
CA ASP A 219 -26.10 11.87 4.25
C ASP A 219 -26.76 12.96 3.42
N CYS A 220 -28.08 13.11 3.61
CA CYS A 220 -28.90 13.91 2.71
C CYS A 220 -29.02 15.36 3.15
N ALA A 221 -29.30 16.23 2.18
CA ALA A 221 -29.50 17.64 2.44
C ALA A 221 -30.49 18.17 1.42
N MET A 222 -31.23 19.20 1.83
CA MET A 222 -32.23 19.83 0.97
C MET A 222 -32.00 21.34 0.99
N GLY A 223 -32.19 21.97 -0.16
CA GLY A 223 -32.22 23.42 -0.26
C GLY A 223 -33.58 23.80 -0.80
N ILE A 224 -34.18 24.82 -0.20
CA ILE A 224 -35.50 25.31 -0.61
C ILE A 224 -35.31 26.75 -1.08
N ILE A 225 -35.43 26.97 -2.39
CA ILE A 225 -35.30 28.31 -2.97
C ILE A 225 -36.66 28.99 -2.93
N ASP A 226 -36.71 30.23 -2.43
CA ASP A 226 -37.90 31.07 -2.49
C ASP A 226 -37.55 32.36 -3.21
N ASP A 227 -38.44 33.36 -3.16
CA ASP A 227 -38.22 34.62 -3.91
C ASP A 227 -37.10 35.49 -3.30
N SER A 228 -36.62 35.16 -2.11
CA SER A 228 -35.71 36.06 -1.41
C SER A 228 -34.45 35.40 -0.88
N GLY A 229 -34.28 34.10 -1.06
CA GLY A 229 -33.17 33.38 -0.48
C GLY A 229 -33.40 31.89 -0.61
N PHE A 230 -32.56 31.12 0.07
CA PHE A 230 -32.80 29.69 0.10
C PHE A 230 -32.46 29.14 1.47
N THR A 231 -33.21 28.13 1.88
CA THR A 231 -33.06 27.53 3.21
C THR A 231 -32.44 26.15 3.05
N LEU A 232 -31.51 25.83 3.96
CA LEU A 232 -30.79 24.56 3.96
C LEU A 232 -31.20 23.74 5.18
N LYS A 233 -31.46 22.45 4.97
CA LYS A 233 -31.81 21.57 6.07
C LYS A 233 -31.24 20.18 5.84
N ALA A 234 -31.00 19.47 6.94
CA ALA A 234 -30.63 18.07 6.94
C ALA A 234 -31.82 17.24 7.42
N PHE A 235 -31.64 15.92 7.43
CA PHE A 235 -32.73 15.01 7.76
C PHE A 235 -32.27 13.95 8.76
N ASN A 236 -31.31 14.32 9.59
CA ASN A 236 -30.73 13.42 10.58
C ASN A 236 -30.70 14.23 11.87
N PRO A 237 -31.37 13.78 12.94
CA PRO A 237 -31.38 14.59 14.17
C PRO A 237 -30.00 14.83 14.74
N LYS A 238 -29.00 14.07 14.31
CA LYS A 238 -27.64 14.29 14.78
C LYS A 238 -26.89 15.35 13.98
N ARG A 239 -27.46 15.83 12.87
CA ARG A 239 -26.79 16.81 12.04
C ARG A 239 -27.67 18.05 11.91
N LYS A 240 -27.02 19.16 11.63
CA LYS A 240 -27.76 20.42 11.42
C LYS A 240 -26.95 21.34 10.52
N PHE A 241 -27.63 22.29 9.91
CA PHE A 241 -26.92 23.34 9.21
C PHE A 241 -26.70 24.50 10.18
N THR A 242 -25.49 25.02 10.17
CA THR A 242 -25.19 26.24 10.89
C THR A 242 -24.66 27.28 9.90
N GLU A 243 -24.62 28.53 10.36
CA GLU A 243 -24.03 29.58 9.54
C GLU A 243 -22.62 29.20 9.10
N THR A 244 -21.84 28.66 10.03
CA THR A 244 -20.47 28.28 9.69
C THR A 244 -20.43 27.09 8.74
N SER A 245 -21.27 26.10 8.94
CA SER A 245 -21.19 24.92 8.09
C SER A 245 -21.61 25.26 6.66
N ALA A 246 -22.63 26.11 6.51
CA ALA A 246 -23.06 26.48 5.17
C ALA A 246 -22.05 27.40 4.48
N ALA A 247 -21.49 28.36 5.23
CA ALA A 247 -20.49 29.23 4.64
C ALA A 247 -19.22 28.46 4.30
N ALA A 248 -18.86 27.51 5.15
CA ALA A 248 -17.70 26.68 4.87
C ALA A 248 -17.85 25.97 3.53
N HIS A 249 -19.06 25.52 3.21
CA HIS A 249 -19.23 24.86 1.93
C HIS A 249 -19.32 25.81 0.77
N THR A 250 -19.57 27.08 1.03
CA THR A 250 -19.36 28.08 -0.01
C THR A 250 -17.89 28.19 -0.36
N LEU A 251 -17.01 28.10 0.64
CA LEU A 251 -15.56 28.19 0.42
C LEU A 251 -14.98 26.89 -0.15
N TYR A 252 -15.67 25.77 0.03
CA TYR A 252 -15.10 24.45 -0.19
C TYR A 252 -14.57 24.30 -1.62
N GLU A 253 -13.27 24.05 -1.72
CA GLU A 253 -12.60 23.67 -2.96
C GLU A 253 -12.48 24.82 -3.95
N LYS A 254 -12.64 26.06 -3.49
CA LYS A 254 -12.57 27.23 -4.40
C LYS A 254 -11.37 28.15 -4.10
N SER A 255 -10.87 28.79 -5.09
N SER A 255 -10.84 28.87 -5.03
CA SER A 255 -9.74 29.71 -4.94
CA SER A 255 -9.70 29.78 -4.88
C SER A 255 -10.13 31.09 -4.44
C SER A 255 -10.09 31.17 -4.38
N ASP A 256 -11.39 31.51 -4.56
CA ASP A 256 -11.80 32.83 -4.11
C ASP A 256 -13.28 32.79 -3.73
N PRO A 257 -13.61 32.83 -2.44
CA PRO A 257 -15.01 32.66 -2.04
C PRO A 257 -15.90 33.82 -2.48
N TYR A 258 -15.32 34.96 -2.84
CA TYR A 258 -16.13 36.06 -3.34
C TYR A 258 -16.60 35.85 -4.76
N PHE A 259 -15.88 35.06 -5.57
CA PHE A 259 -16.15 34.96 -7.01
C PHE A 259 -15.98 33.50 -7.44
N LEU A 260 -17.11 32.83 -7.71
CA LEU A 260 -17.08 31.43 -8.12
C LEU A 260 -17.35 31.33 -9.62
N PRO A 261 -16.33 31.09 -10.45
CA PRO A 261 -16.56 31.03 -11.89
C PRO A 261 -17.09 29.67 -12.34
N GLY A 262 -17.87 29.72 -13.39
CA GLY A 262 -18.38 28.53 -14.04
C GLY A 262 -18.73 28.86 -15.47
N PRO A 263 -19.23 27.89 -16.22
CA PRO A 263 -19.57 28.14 -17.63
C PRO A 263 -20.72 29.13 -17.72
N GLY A 264 -20.45 30.28 -18.32
CA GLY A 264 -21.47 31.29 -18.56
C GLY A 264 -21.51 32.43 -17.56
N GLY A 265 -20.75 32.36 -16.46
CA GLY A 265 -20.79 33.47 -15.54
C GLY A 265 -20.01 33.19 -14.26
N VAL A 266 -20.10 34.15 -13.35
CA VAL A 266 -19.43 34.11 -12.06
C VAL A 266 -20.44 34.40 -10.97
N LEU A 267 -20.43 33.59 -9.92
CA LEU A 267 -21.25 33.86 -8.72
C LEU A 267 -20.50 34.91 -7.92
N ASN A 268 -21.11 36.06 -7.69
CA ASN A 268 -20.51 37.14 -6.93
C ASN A 268 -21.16 37.08 -5.55
N LEU A 269 -20.37 36.79 -4.52
CA LEU A 269 -20.89 36.54 -3.19
C LEU A 269 -20.55 37.64 -2.18
N LYS A 270 -20.12 38.82 -2.65
CA LYS A 270 -19.81 39.94 -1.75
C LYS A 270 -20.99 40.31 -0.86
N GLY A 271 -22.21 40.14 -1.35
CA GLY A 271 -23.39 40.54 -0.60
C GLY A 271 -24.13 39.41 0.09
N CYS A 272 -23.49 38.26 0.20
N CYS A 272 -23.53 38.22 0.16
CA CYS A 272 -24.15 37.10 0.79
CA CYS A 272 -24.26 37.09 0.73
C CYS A 272 -24.36 37.28 2.30
C CYS A 272 -24.30 37.15 2.25
N THR A 273 -25.35 36.57 2.81
CA THR A 273 -25.57 36.49 4.25
C THR A 273 -25.99 35.07 4.57
N PHE A 274 -25.63 34.64 5.78
CA PHE A 274 -26.02 33.34 6.31
C PHE A 274 -26.74 33.59 7.62
N LYS A 275 -27.96 33.07 7.76
CA LYS A 275 -28.78 33.34 8.93
C LYS A 275 -29.35 32.04 9.48
N ALA A 276 -29.02 31.71 10.72
CA ALA A 276 -29.64 30.59 11.40
C ALA A 276 -31.14 30.83 11.56
N VAL A 277 -31.94 29.86 11.13
CA VAL A 277 -33.39 29.97 11.23
C VAL A 277 -33.96 28.66 11.77
N ASN A 278 -35.13 28.79 12.39
CA ASN A 278 -35.88 27.65 12.91
C ASN A 278 -34.95 26.75 13.73
N GLU A 279 -35.03 25.44 13.51
CA GLU A 279 -34.15 24.56 14.29
C GLU A 279 -33.15 23.82 13.39
N GLY A 280 -31.90 24.24 13.43
CA GLY A 280 -30.87 23.57 12.67
C GLY A 280 -30.92 23.81 11.18
N GLU A 281 -31.45 24.96 10.76
CA GLU A 281 -31.53 25.33 9.36
C GLU A 281 -30.83 26.67 9.18
N VAL A 282 -30.54 26.99 7.92
CA VAL A 282 -29.86 28.25 7.59
C VAL A 282 -30.53 28.84 6.37
N TYR A 283 -30.76 30.15 6.39
CA TYR A 283 -31.30 30.88 5.26
C TYR A 283 -30.18 31.71 4.66
N VAL A 284 -29.97 31.57 3.37
CA VAL A 284 -28.89 32.23 2.64
C VAL A 284 -29.50 33.19 1.63
N SER A 285 -28.92 34.37 1.51
CA SER A 285 -29.47 35.39 0.63
C SER A 285 -28.32 36.25 0.12
N GLY A 286 -28.62 37.08 -0.88
CA GLY A 286 -27.67 38.06 -1.35
C GLY A 286 -26.79 37.60 -2.50
N SER A 287 -26.85 36.31 -2.86
CA SER A 287 -26.01 35.78 -3.93
C SER A 287 -26.41 36.44 -5.24
N ARG A 288 -25.41 36.74 -6.06
CA ARG A 288 -25.62 37.37 -7.39
C ARG A 288 -24.84 36.63 -8.47
N HIS A 289 -25.43 36.50 -9.65
CA HIS A 289 -24.78 35.86 -10.79
C HIS A 289 -24.54 36.91 -11.87
N GLU A 290 -23.33 36.95 -12.41
CA GLU A 290 -22.93 37.91 -13.43
C GLU A 290 -22.46 37.13 -14.64
N ALA A 291 -23.11 37.38 -15.79
CA ALA A 291 -22.76 36.64 -16.99
C ALA A 291 -21.37 37.02 -17.48
N THR A 292 -20.71 36.07 -18.12
CA THR A 292 -19.43 36.27 -18.78
C THR A 292 -19.48 35.61 -20.14
N PRO A 293 -18.58 35.97 -21.06
CA PRO A 293 -18.52 35.24 -22.32
C PRO A 293 -18.34 33.75 -22.06
N TYR A 294 -19.08 32.95 -22.81
CA TYR A 294 -19.20 31.52 -22.48
C TYR A 294 -17.97 30.74 -22.86
N ALA A 295 -17.40 30.03 -21.89
CA ALA A 295 -16.24 29.17 -22.06
C ALA A 295 -16.42 27.94 -21.18
N LEU A 296 -15.82 26.85 -21.62
CA LEU A 296 -15.90 25.56 -20.95
C LEU A 296 -14.52 25.13 -20.47
N LYS A 297 -14.47 24.48 -19.30
CA LYS A 297 -13.23 23.91 -18.80
C LYS A 297 -13.06 22.50 -19.33
N LEU A 298 -11.90 22.25 -19.94
CA LEU A 298 -11.52 20.92 -20.42
C LEU A 298 -10.64 20.20 -19.41
N GLU A 299 -10.83 18.89 -19.30
CA GLU A 299 -10.00 18.04 -18.46
C GLU A 299 -9.48 16.90 -19.31
N GLY A 300 -8.22 16.52 -19.05
CA GLY A 300 -7.59 15.45 -19.78
C GLY A 300 -6.36 14.95 -19.06
N ALA A 301 -6.00 13.68 -19.28
CA ALA A 301 -4.86 13.06 -18.63
C ALA A 301 -4.12 12.21 -19.64
N ARG A 302 -2.87 11.88 -19.32
CA ARG A 302 -2.02 11.09 -20.20
C ARG A 302 -1.27 10.06 -19.36
N ARG A 303 -0.98 8.92 -19.98
CA ARG A 303 -0.25 7.86 -19.30
C ARG A 303 1.24 8.18 -19.27
N VAL A 304 1.85 8.08 -18.09
CA VAL A 304 3.26 8.46 -17.91
C VAL A 304 4.16 7.30 -17.55
N GLY A 305 3.63 6.12 -17.25
CA GLY A 305 4.45 5.00 -16.81
C GLY A 305 3.58 3.96 -16.13
N PHE A 306 4.24 3.08 -15.38
CA PHE A 306 3.60 1.98 -14.70
C PHE A 306 4.21 1.87 -13.31
N ARG A 307 3.40 1.46 -12.33
CA ARG A 307 3.83 1.50 -10.93
C ARG A 307 3.82 0.11 -10.33
N CYS A 308 4.80 -0.15 -9.45
CA CYS A 308 4.79 -1.28 -8.53
C CYS A 308 5.19 -0.73 -7.16
N LEU A 309 4.57 -1.25 -6.11
CA LEU A 309 4.78 -0.69 -4.78
C LEU A 309 4.91 -1.80 -3.74
N THR A 310 5.46 -1.43 -2.58
N THR A 310 5.44 -1.43 -2.58
CA THR A 310 5.47 -2.28 -1.41
CA THR A 310 5.48 -2.32 -1.41
C THR A 310 5.22 -1.41 -0.19
C THR A 310 5.31 -1.46 -0.17
N ILE A 311 4.72 -2.04 0.87
CA ILE A 311 4.53 -1.39 2.15
C ILE A 311 5.06 -2.31 3.24
N ALA A 312 5.74 -1.73 4.22
CA ALA A 312 6.28 -2.50 5.33
C ALA A 312 6.62 -1.54 6.45
N GLY A 313 6.51 -2.02 7.68
CA GLY A 313 6.85 -1.23 8.83
C GLY A 313 8.27 -1.50 9.33
N THR A 314 8.80 -0.53 10.06
CA THR A 314 9.98 -0.73 10.88
C THR A 314 9.70 -0.24 12.29
N ARG A 315 10.22 -0.97 13.26
CA ARG A 315 10.01 -0.68 14.67
C ARG A 315 11.32 -0.43 15.40
N ASP A 316 12.44 -0.43 14.68
CA ASP A 316 13.75 -0.35 15.32
C ASP A 316 14.19 1.09 15.40
N PRO A 317 14.56 1.60 16.58
CA PRO A 317 14.89 3.03 16.69
C PRO A 317 16.16 3.42 15.95
N ILE A 318 17.14 2.54 15.84
CA ILE A 318 18.34 2.87 15.08
C ILE A 318 18.03 3.02 13.60
N MET A 319 17.29 2.06 13.04
CA MET A 319 16.87 2.18 11.64
C MET A 319 16.05 3.45 11.40
N ILE A 320 15.08 3.71 12.26
CA ILE A 320 14.24 4.89 12.13
C ILE A 320 15.08 6.16 12.16
N ALA A 321 16.01 6.25 13.10
CA ALA A 321 16.81 7.47 13.20
C ALA A 321 17.66 7.70 11.95
N GLY A 322 18.13 6.64 11.32
CA GLY A 322 18.99 6.78 10.16
C GLY A 322 18.31 6.52 8.84
N ILE A 323 16.96 6.59 8.82
CA ILE A 323 16.22 6.04 7.68
C ILE A 323 16.55 6.78 6.40
N ASP A 324 16.70 8.11 6.46
CA ASP A 324 16.87 8.89 5.22
C ASP A 324 18.13 8.45 4.48
N ASN A 325 19.23 8.31 5.20
CA ASN A 325 20.48 7.86 4.58
C ASN A 325 20.38 6.40 4.15
N ILE A 326 19.72 5.57 4.95
CA ILE A 326 19.53 4.17 4.56
C ILE A 326 18.87 4.08 3.19
N LEU A 327 17.81 4.87 2.97
CA LEU A 327 17.08 4.73 1.72
C LEU A 327 17.91 5.21 0.55
N GLU A 328 18.74 6.23 0.77
CA GLU A 328 19.64 6.69 -0.30
C GLU A 328 20.62 5.57 -0.64
N GLU A 329 21.20 4.94 0.38
CA GLU A 329 22.17 3.88 0.14
C GLU A 329 21.53 2.67 -0.53
N VAL A 330 20.28 2.36 -0.18
CA VAL A 330 19.59 1.25 -0.84
C VAL A 330 19.37 1.55 -2.32
N GLN A 331 18.92 2.76 -2.63
CA GLN A 331 18.71 3.11 -4.04
C GLN A 331 20.00 3.03 -4.83
N THR A 332 21.11 3.51 -4.25
CA THR A 332 22.39 3.45 -4.93
C THR A 332 22.79 2.01 -5.20
N SER A 333 22.59 1.14 -4.22
CA SER A 333 22.92 -0.29 -4.39
C SER A 333 22.10 -0.91 -5.51
N VAL A 334 20.79 -0.63 -5.54
CA VAL A 334 19.94 -1.23 -6.55
C VAL A 334 20.34 -0.74 -7.94
N ALA A 335 20.62 0.55 -8.06
CA ALA A 335 20.98 1.10 -9.36
C ALA A 335 22.25 0.44 -9.89
N ARG A 336 23.22 0.19 -9.01
CA ARG A 336 24.44 -0.49 -9.45
C ARG A 336 24.18 -1.96 -9.77
N ASN A 337 23.35 -2.63 -8.97
CA ASN A 337 23.11 -4.06 -9.17
C ASN A 337 22.38 -4.32 -10.48
N LEU A 338 21.38 -3.50 -10.79
CA LEU A 338 20.57 -3.65 -12.00
C LEU A 338 21.10 -2.82 -13.16
N SER A 339 22.22 -2.11 -12.97
CA SER A 339 22.79 -1.25 -14.01
C SER A 339 21.74 -0.27 -14.55
N LEU A 340 21.07 0.41 -13.65
CA LEU A 340 20.00 1.32 -14.04
C LEU A 340 20.56 2.59 -14.67
N ASN A 341 19.88 3.07 -15.71
CA ASN A 341 20.38 4.18 -16.52
C ASN A 341 19.27 5.03 -17.13
N ASP A 342 18.14 5.17 -16.42
CA ASP A 342 16.98 5.89 -16.97
C ASP A 342 16.43 6.79 -15.87
N ASP A 343 16.54 8.09 -16.09
CA ASP A 343 16.00 9.09 -15.16
C ASP A 343 14.48 8.97 -15.06
N SER A 344 13.82 8.27 -15.98
CA SER A 344 12.39 8.04 -15.91
C SER A 344 12.01 6.96 -14.90
N ILE A 345 12.97 6.21 -14.38
CA ILE A 345 12.69 5.28 -13.29
C ILE A 345 12.68 6.11 -12.01
N ARG A 346 11.49 6.28 -11.46
CA ARG A 346 11.31 7.14 -10.26
C ARG A 346 10.92 6.32 -9.04
N MET A 347 11.78 6.36 -8.02
CA MET A 347 11.52 5.68 -6.75
C MET A 347 11.03 6.73 -5.77
N THR A 348 9.85 6.48 -5.16
CA THR A 348 9.25 7.40 -4.21
C THR A 348 9.01 6.69 -2.88
N PHE A 349 9.43 7.31 -1.79
CA PHE A 349 9.21 6.76 -0.46
C PHE A 349 8.26 7.67 0.32
N HIS A 350 7.34 7.07 1.06
CA HIS A 350 6.50 7.77 2.03
C HIS A 350 6.77 7.16 3.40
N LEU A 351 7.24 7.99 4.33
CA LEU A 351 7.59 7.51 5.67
C LEU A 351 6.50 7.92 6.65
N TYR A 352 5.46 7.09 6.76
CA TYR A 352 4.31 7.42 7.58
C TYR A 352 4.70 7.32 9.05
N GLY A 353 4.36 8.35 9.81
CA GLY A 353 4.86 8.56 11.15
C GLY A 353 5.97 9.58 11.21
N LYS A 354 6.39 10.08 10.06
CA LYS A 354 7.40 11.16 10.04
C LYS A 354 6.94 12.27 9.10
N ASN A 355 6.90 12.00 7.80
CA ASN A 355 6.59 13.05 6.82
C ASN A 355 5.85 12.48 5.61
N GLY A 356 5.09 11.41 5.79
CA GLY A 356 4.41 10.80 4.67
C GLY A 356 3.35 11.70 4.06
N VAL A 357 2.72 12.54 4.87
CA VAL A 357 1.59 13.35 4.42
C VAL A 357 2.04 14.68 3.82
N MET A 358 3.01 15.34 4.44
CA MET A 358 3.39 16.69 4.04
C MET A 358 4.74 16.77 3.33
N GLY A 359 5.52 15.70 3.32
CA GLY A 359 6.78 15.75 2.61
C GLY A 359 7.69 16.83 3.19
N ASN A 360 8.26 17.64 2.28
CA ASN A 360 9.21 18.67 2.68
C ASN A 360 8.54 19.81 3.46
N HIS A 361 7.21 19.82 3.55
CA HIS A 361 6.51 20.85 4.30
C HIS A 361 6.11 20.40 5.70
N GLU A 362 6.49 19.18 6.10
CA GLU A 362 6.17 18.69 7.43
C GLU A 362 6.97 19.49 8.47
N PRO A 363 6.32 20.10 9.43
CA PRO A 363 7.06 20.86 10.44
C PRO A 363 7.79 20.00 11.47
N MET A 364 7.26 18.82 11.77
CA MET A 364 7.91 17.95 12.74
C MET A 364 9.05 17.19 12.08
N LYS A 365 10.24 17.25 12.65
CA LYS A 365 11.42 16.65 11.97
C LYS A 365 11.84 15.30 12.58
N THR A 366 11.16 14.83 13.61
N THR A 366 11.19 14.91 13.66
CA THR A 366 11.53 13.58 14.26
CA THR A 366 11.57 13.66 14.32
C THR A 366 10.37 12.60 14.21
C THR A 366 10.41 12.68 14.27
N ALA A 367 10.66 11.37 13.82
CA ALA A 367 9.69 10.29 13.88
C ALA A 367 9.46 9.87 15.34
N GLY A 368 8.44 9.04 15.53
CA GLY A 368 8.18 8.38 16.80
C GLY A 368 8.81 7.00 16.85
N HIS A 369 8.06 6.04 17.39
CA HIS A 369 8.59 4.70 17.62
C HIS A 369 8.46 3.78 16.42
N GLU A 370 7.64 4.13 15.42
CA GLU A 370 7.33 3.24 14.32
C GLU A 370 7.22 4.05 13.03
N LEU A 371 7.68 3.48 11.93
CA LEU A 371 7.42 4.05 10.61
C LEU A 371 6.71 3.03 9.73
N GLY A 372 5.78 3.52 8.92
CA GLY A 372 5.30 2.72 7.80
C GLY A 372 6.01 3.17 6.55
N ILE A 373 6.81 2.30 5.95
CA ILE A 373 7.58 2.64 4.76
C ILE A 373 6.79 2.19 3.54
N LEU A 374 6.25 3.15 2.80
CA LEU A 374 5.62 2.87 1.52
C LEU A 374 6.60 3.24 0.42
N LEU A 375 6.89 2.27 -0.44
CA LEU A 375 7.77 2.49 -1.58
C LEU A 375 6.98 2.26 -2.86
N ASP A 376 7.14 3.15 -3.82
CA ASP A 376 6.58 2.88 -5.14
C ASP A 376 7.58 3.26 -6.22
N VAL A 377 7.62 2.47 -7.29
CA VAL A 377 8.47 2.74 -8.44
C VAL A 377 7.55 2.96 -9.64
N VAL A 378 7.76 4.06 -10.34
CA VAL A 378 7.09 4.32 -11.62
C VAL A 378 8.15 4.25 -12.69
N ALA A 379 7.90 3.45 -13.71
CA ALA A 379 8.92 3.23 -14.73
C ALA A 379 8.25 3.16 -16.10
N PRO A 380 9.04 3.18 -17.19
CA PRO A 380 8.43 3.19 -18.53
C PRO A 380 7.71 1.91 -18.90
N THR A 381 8.01 0.79 -18.25
CA THR A 381 7.26 -0.44 -18.43
C THR A 381 6.96 -1.04 -17.07
N GLN A 382 5.90 -1.84 -17.04
CA GLN A 382 5.54 -2.54 -15.82
C GLN A 382 6.67 -3.48 -15.39
N ASP A 383 7.27 -4.17 -16.35
N ASP A 383 7.24 -4.22 -16.32
CA ASP A 383 8.42 -5.02 -16.07
CA ASP A 383 8.34 -5.16 -15.98
C ASP A 383 9.45 -4.30 -15.23
C ASP A 383 9.47 -4.36 -15.26
N ILE A 384 9.89 -3.13 -15.71
CA ILE A 384 10.96 -2.41 -15.04
C ILE A 384 10.51 -1.96 -13.66
N ALA A 385 9.28 -1.46 -13.54
CA ALA A 385 8.79 -1.05 -12.24
C ALA A 385 8.77 -2.21 -11.27
N ASN A 386 8.34 -3.39 -11.75
CA ASN A 386 8.32 -4.57 -10.88
C ASN A 386 9.73 -4.96 -10.46
N SER A 387 10.68 -4.89 -11.38
N SER A 387 10.68 -4.93 -11.40
CA SER A 387 12.03 -5.36 -11.09
CA SER A 387 12.04 -5.35 -11.08
C SER A 387 12.75 -4.44 -10.09
C SER A 387 12.69 -4.44 -10.05
N VAL A 388 12.68 -3.14 -10.31
CA VAL A 388 13.26 -2.18 -9.38
C VAL A 388 12.59 -2.25 -8.01
N CYS A 389 11.26 -2.29 -7.97
CA CYS A 389 10.58 -2.39 -6.68
C CYS A 389 11.03 -3.65 -5.93
N SER A 390 11.13 -4.77 -6.63
CA SER A 390 11.56 -6.03 -6.00
C SER A 390 12.96 -5.90 -5.40
N LEU A 391 13.91 -5.35 -6.16
CA LEU A 391 15.27 -5.23 -5.66
C LEU A 391 15.37 -4.19 -4.53
N VAL A 392 14.63 -3.09 -4.61
CA VAL A 392 14.61 -2.16 -3.47
C VAL A 392 14.10 -2.87 -2.24
N ARG A 393 13.06 -3.68 -2.40
CA ARG A 393 12.44 -4.36 -1.27
C ARG A 393 13.40 -5.34 -0.61
N SER A 394 14.05 -6.19 -1.40
CA SER A 394 14.96 -7.18 -0.81
C SER A 394 16.26 -6.55 -0.34
N THR A 395 16.69 -5.47 -0.97
CA THR A 395 17.91 -4.81 -0.51
C THR A 395 17.64 -4.08 0.81
N LEU A 396 16.50 -3.39 0.92
CA LEU A 396 16.16 -2.71 2.17
C LEU A 396 15.91 -3.73 3.29
N LEU A 397 15.32 -4.88 2.95
CA LEU A 397 15.05 -5.90 3.97
C LEU A 397 16.31 -6.32 4.72
N HIS A 398 17.44 -6.39 4.01
CA HIS A 398 18.65 -6.96 4.60
C HIS A 398 19.82 -5.98 4.61
N TYR A 399 19.55 -4.68 4.49
CA TYR A 399 20.61 -3.68 4.46
C TYR A 399 21.26 -3.54 5.83
N GLY A 400 22.59 -3.59 5.86
CA GLY A 400 23.36 -3.57 7.09
C GLY A 400 23.66 -2.14 7.52
N TYR A 401 22.66 -1.46 8.06
CA TYR A 401 22.87 -0.07 8.44
C TYR A 401 23.77 0.03 9.67
N GLU A 402 24.37 1.21 9.83
CA GLU A 402 25.35 1.41 10.88
C GLU A 402 24.72 1.15 12.24
N ASN A 403 25.43 0.39 13.07
CA ASN A 403 25.04 0.07 14.45
C ASN A 403 23.81 -0.83 14.55
N ARG A 404 23.40 -1.46 13.45
CA ARG A 404 22.26 -2.36 13.49
C ARG A 404 22.46 -3.50 14.47
N ILE A 405 21.44 -3.74 15.30
CA ILE A 405 21.43 -4.91 16.18
C ILE A 405 20.35 -5.91 15.81
N ALA A 406 19.32 -5.50 15.08
CA ALA A 406 18.27 -6.41 14.61
C ALA A 406 18.67 -6.91 13.23
N THR A 407 19.52 -7.95 13.22
CA THR A 407 20.30 -8.30 12.05
C THR A 407 19.66 -9.36 11.17
N ALA A 408 18.44 -9.83 11.49
CA ALA A 408 17.82 -10.89 10.69
C ALA A 408 16.88 -10.34 9.61
N GLY A 409 16.68 -9.03 9.56
CA GLY A 409 15.77 -8.42 8.59
C GLY A 409 15.26 -7.11 9.15
N ASN A 410 14.90 -6.20 8.25
CA ASN A 410 14.64 -4.81 8.63
C ASN A 410 13.18 -4.39 8.49
N LEU A 411 12.31 -5.26 7.99
CA LEU A 411 10.99 -4.84 7.53
C LEU A 411 9.91 -5.82 7.97
N ALA A 412 8.77 -5.26 8.39
CA ALA A 412 7.56 -5.99 8.73
C ALA A 412 6.55 -5.80 7.61
N PHE A 413 6.45 -6.79 6.71
CA PHE A 413 5.47 -6.73 5.63
C PHE A 413 4.12 -7.23 6.15
N PRO A 414 3.02 -6.54 5.87
CA PRO A 414 1.71 -7.06 6.24
C PRO A 414 1.18 -8.12 5.31
N PHE A 415 1.70 -8.23 4.08
CA PHE A 415 1.09 -9.05 3.05
C PHE A 415 2.07 -10.03 2.42
N SER A 416 1.53 -11.15 1.95
CA SER A 416 2.16 -12.04 0.98
C SER A 416 1.24 -12.00 -0.23
N PRO A 417 1.71 -11.53 -1.39
CA PRO A 417 3.07 -11.10 -1.67
C PRO A 417 3.37 -9.73 -1.11
N SER A 418 4.66 -9.41 -0.99
CA SER A 418 5.04 -8.12 -0.43
C SER A 418 4.87 -7.01 -1.44
N ASP A 419 5.06 -7.30 -2.73
CA ASP A 419 5.00 -6.28 -3.78
C ASP A 419 3.63 -6.33 -4.43
N ILE A 420 3.11 -5.15 -4.79
CA ILE A 420 1.80 -5.01 -5.42
C ILE A 420 1.99 -4.23 -6.72
N GLN A 421 1.74 -4.89 -7.84
CA GLN A 421 1.71 -4.22 -9.13
C GLN A 421 0.41 -3.41 -9.22
N SER A 422 0.51 -2.10 -9.46
CA SER A 422 -0.67 -1.26 -9.50
C SER A 422 -1.03 -0.75 -10.89
N GLY A 423 -0.19 -0.98 -11.90
CA GLY A 423 -0.56 -0.75 -13.28
C GLY A 423 -0.21 0.63 -13.80
N PRO A 424 -0.90 1.03 -14.88
CA PRO A 424 -0.61 2.31 -15.54
C PRO A 424 -0.83 3.49 -14.62
N VAL A 425 0.02 4.51 -14.77
CA VAL A 425 -0.04 5.75 -14.00
C VAL A 425 -0.31 6.87 -14.98
N TYR A 426 -1.24 7.76 -14.62
CA TYR A 426 -1.61 8.92 -15.42
C TYR A 426 -1.29 10.19 -14.67
N GLU A 427 -1.17 11.28 -15.43
CA GLU A 427 -1.03 12.60 -14.86
C GLU A 427 -1.91 13.55 -15.67
N PHE A 428 -2.43 14.58 -15.00
CA PHE A 428 -3.27 15.52 -15.73
C PHE A 428 -2.46 16.17 -16.83
N SER A 429 -3.11 16.40 -17.97
CA SER A 429 -2.48 17.02 -19.14
C SER A 429 -3.29 18.18 -19.69
N ILE A 430 -4.59 18.26 -19.41
CA ILE A 430 -5.43 19.37 -19.85
C ILE A 430 -6.24 19.84 -18.65
N TYR A 431 -6.21 21.16 -18.41
CA TYR A 431 -7.00 21.77 -17.35
C TYR A 431 -7.14 23.23 -17.76
N HIS A 432 -7.89 23.47 -18.84
CA HIS A 432 -7.83 24.72 -19.60
C HIS A 432 -9.23 25.12 -20.04
N LEU A 433 -9.43 26.42 -20.21
CA LEU A 433 -10.70 26.93 -20.71
C LEU A 433 -10.67 26.99 -22.23
N ILE A 434 -11.80 26.67 -22.85
CA ILE A 434 -11.95 26.78 -24.30
C ILE A 434 -13.19 27.64 -24.60
N GLU A 435 -13.05 28.58 -25.53
CA GLU A 435 -14.18 29.43 -25.87
C GLU A 435 -15.30 28.58 -26.47
N ALA A 436 -16.54 28.89 -26.10
CA ALA A 436 -17.66 28.14 -26.62
C ALA A 436 -17.75 28.30 -28.14
N SER A 437 -18.24 27.25 -28.80
CA SER A 437 -18.47 27.27 -30.23
C SER A 437 -19.59 26.29 -30.54
N ASP A 438 -20.08 26.35 -31.78
CA ASP A 438 -21.07 25.38 -32.23
C ASP A 438 -20.54 23.95 -32.06
N ALA A 439 -19.25 23.76 -32.33
CA ALA A 439 -18.67 22.41 -32.29
C ALA A 439 -18.63 21.87 -30.86
N LEU A 440 -18.61 22.75 -29.87
CA LEU A 440 -18.60 22.33 -28.48
C LEU A 440 -20.00 22.22 -27.88
N ARG A 441 -21.05 22.47 -28.65
CA ARG A 441 -22.39 22.31 -28.11
C ARG A 441 -22.60 20.90 -27.59
N PHE A 442 -23.22 20.80 -26.42
CA PHE A 442 -23.57 19.51 -25.84
C PHE A 442 -24.90 19.07 -26.43
N ASP A 443 -24.93 17.87 -26.99
CA ASP A 443 -26.15 17.26 -27.49
C ASP A 443 -26.68 16.30 -26.43
N PHE A 444 -28.00 16.21 -26.33
CA PHE A 444 -28.62 15.18 -25.51
C PHE A 444 -29.42 14.25 -26.41
N HIS A 445 -29.61 13.04 -25.93
CA HIS A 445 -30.48 12.10 -26.64
C HIS A 445 -31.27 11.36 -25.60
N ILE A 446 -32.53 11.16 -25.88
CA ILE A 446 -33.45 10.52 -24.95
C ILE A 446 -33.71 9.10 -25.40
N GLU A 447 -33.64 8.17 -24.46
CA GLU A 447 -34.02 6.79 -24.71
C GLU A 447 -35.15 6.40 -23.76
N GLN A 448 -35.99 5.47 -24.22
N GLN A 448 -35.98 5.47 -24.22
CA GLN A 448 -37.11 5.01 -23.41
CA GLN A 448 -37.13 5.02 -23.41
C GLN A 448 -36.67 3.72 -22.71
C GLN A 448 -36.73 3.72 -22.70
N VAL A 449 -36.42 3.83 -21.41
CA VAL A 449 -35.98 2.68 -20.64
C VAL A 449 -37.20 1.89 -20.20
N THR A 450 -37.14 0.57 -20.36
CA THR A 450 -38.21 -0.31 -19.93
C THR A 450 -37.59 -1.48 -19.17
N PRO A 451 -38.40 -2.32 -18.51
CA PRO A 451 -37.84 -3.52 -17.87
C PRO A 451 -37.19 -4.49 -18.84
N GLU A 452 -37.44 -4.35 -20.14
CA GLU A 452 -36.82 -5.19 -21.15
C GLU A 452 -35.62 -4.55 -21.83
N GLY A 453 -35.28 -3.32 -21.47
CA GLY A 453 -34.19 -2.63 -22.13
C GLY A 453 -34.66 -1.40 -22.87
N VAL A 454 -33.85 -0.98 -23.82
CA VAL A 454 -34.15 0.16 -24.73
C VAL A 454 -34.39 -0.49 -26.09
N GLN A 455 -35.57 -0.31 -26.66
CA GLN A 455 -35.86 -0.97 -27.94
C GLN A 455 -34.91 -0.42 -29.01
N ALA A 456 -34.36 -1.33 -29.85
CA ALA A 456 -33.45 -1.09 -31.00
C ALA A 456 -32.01 -0.75 -30.60
N MET B 1 -0.80 37.24 27.79
CA MET B 1 -0.83 35.90 27.14
C MET B 1 -1.26 36.05 25.67
N LYS B 2 -0.99 35.00 24.90
N LYS B 2 -1.02 35.00 24.90
CA LYS B 2 -1.38 34.94 23.50
CA LYS B 2 -1.38 34.97 23.49
C LYS B 2 -2.69 34.17 23.36
C LYS B 2 -2.59 34.07 23.28
N GLN B 3 -3.35 34.36 22.22
CA GLN B 3 -4.54 33.61 21.86
C GLN B 3 -4.20 32.69 20.69
N SER B 4 -4.36 31.38 20.89
CA SER B 4 -4.12 30.44 19.81
C SER B 4 -5.22 30.55 18.74
N LEU B 5 -4.83 30.26 17.50
CA LEU B 5 -5.84 30.15 16.44
C LEU B 5 -6.88 29.10 16.79
N CYS B 6 -6.45 27.98 17.39
CA CYS B 6 -7.41 26.93 17.71
C CYS B 6 -8.50 27.44 18.64
N SER B 7 -8.16 28.33 19.58
CA SER B 7 -9.15 28.84 20.52
C SER B 7 -10.16 29.77 19.87
N LEU B 8 -9.87 30.25 18.65
CA LEU B 8 -10.68 31.23 17.97
C LEU B 8 -11.43 30.67 16.77
N ALA B 9 -11.07 29.50 16.26
CA ALA B 9 -11.58 29.03 15.00
C ALA B 9 -12.42 27.76 15.17
N GLN B 10 -13.51 27.69 14.41
CA GLN B 10 -14.35 26.51 14.34
C GLN B 10 -13.87 25.53 13.27
N VAL B 11 -13.23 26.04 12.22
CA VAL B 11 -12.80 25.23 11.09
C VAL B 11 -11.40 25.68 10.72
N ILE B 12 -10.47 24.72 10.63
CA ILE B 12 -9.11 24.93 10.14
C ILE B 12 -8.81 23.72 9.26
N ARG B 13 -8.67 23.94 7.95
CA ARG B 13 -8.67 22.79 7.05
C ARG B 13 -7.95 23.12 5.74
N SER B 14 -7.57 22.06 5.02
CA SER B 14 -7.05 22.17 3.66
C SER B 14 -7.90 21.35 2.69
N LYS B 15 -7.83 21.76 1.42
CA LYS B 15 -8.39 20.96 0.34
C LYS B 15 -7.80 21.51 -0.96
N ASN B 16 -7.81 20.65 -2.00
CA ASN B 16 -7.53 21.15 -3.33
C ASN B 16 -8.56 22.21 -3.71
N ALA B 17 -8.15 23.12 -4.60
CA ALA B 17 -9.06 23.90 -5.44
C ALA B 17 -8.64 23.56 -6.86
N GLY B 18 -9.07 22.41 -7.34
CA GLY B 18 -8.56 21.87 -8.58
C GLY B 18 -7.20 21.21 -8.36
N PRO B 19 -6.69 20.56 -9.40
CA PRO B 19 -5.43 19.80 -9.24
C PRO B 19 -4.18 20.65 -9.02
N TYR B 20 -4.23 21.96 -9.24
CA TYR B 20 -3.03 22.79 -9.25
C TYR B 20 -2.94 23.73 -8.05
N GLU B 21 -3.95 23.76 -7.18
CA GLU B 21 -3.96 24.72 -6.09
C GLU B 21 -4.37 24.05 -4.79
N LEU B 22 -3.78 24.53 -3.70
CA LEU B 22 -4.14 24.12 -2.35
C LEU B 22 -4.72 25.32 -1.64
N VAL B 23 -5.89 25.15 -1.02
CA VAL B 23 -6.49 26.22 -0.25
C VAL B 23 -6.63 25.81 1.20
N LEU B 24 -6.38 26.76 2.11
CA LEU B 24 -6.56 26.57 3.54
C LEU B 24 -7.70 27.48 3.97
N ASP B 25 -8.73 26.91 4.60
CA ASP B 25 -9.87 27.68 5.08
C ASP B 25 -9.83 27.76 6.60
N ILE B 26 -10.02 28.96 7.12
CA ILE B 26 -10.17 29.20 8.55
C ILE B 26 -11.49 29.94 8.73
N LEU B 27 -12.42 29.34 9.46
CA LEU B 27 -13.67 30.01 9.80
C LEU B 27 -13.68 30.29 11.29
N PHE B 28 -13.90 31.55 11.67
CA PHE B 28 -13.78 31.93 13.07
C PHE B 28 -15.09 31.73 13.82
N LYS B 29 -14.94 31.54 15.14
CA LYS B 29 -16.09 31.28 16.00
C LYS B 29 -17.04 32.46 16.07
N THR B 30 -16.49 33.69 16.11
CA THR B 30 -17.32 34.88 16.17
C THR B 30 -16.79 35.95 15.23
N ARG B 31 -17.67 36.87 14.85
CA ARG B 31 -17.25 38.01 14.05
C ARG B 31 -16.21 38.84 14.80
N GLU B 32 -16.38 39.02 16.10
CA GLU B 32 -15.42 39.82 16.86
C GLU B 32 -14.01 39.24 16.78
N ASP B 33 -13.89 37.91 16.94
CA ASP B 33 -12.58 37.28 16.80
C ASP B 33 -12.01 37.46 15.40
N TYR B 34 -12.85 37.31 14.37
CA TYR B 34 -12.39 37.50 13.01
C TYR B 34 -11.86 38.92 12.81
N GLN B 35 -12.62 39.90 13.29
N GLN B 35 -12.62 39.90 13.29
CA GLN B 35 -12.24 41.33 13.14
CA GLN B 35 -12.21 41.33 13.11
C GLN B 35 -10.93 41.60 13.88
C GLN B 35 -10.91 41.60 13.87
N ARG B 36 -10.75 41.10 15.11
CA ARG B 36 -9.50 41.35 15.90
C ARG B 36 -8.33 40.66 15.14
N VAL B 37 -8.46 39.43 14.55
CA VAL B 37 -7.36 38.86 13.77
C VAL B 37 -7.07 39.70 12.53
N LYS B 38 -8.13 40.11 11.81
CA LYS B 38 -7.95 40.95 10.63
C LYS B 38 -7.25 42.26 10.99
N ARG B 39 -7.72 42.91 12.05
CA ARG B 39 -7.15 44.19 12.48
C ARG B 39 -5.69 44.06 12.88
N SER B 40 -5.31 42.91 13.45
CA SER B 40 -3.99 42.76 14.03
C SER B 40 -2.89 42.78 12.97
N GLU B 41 -3.21 42.44 11.74
CA GLU B 41 -2.24 42.32 10.67
C GLU B 41 -1.16 41.29 10.97
N GLN B 42 -1.47 40.31 11.84
CA GLN B 42 -0.52 39.27 12.20
C GLN B 42 -0.60 38.03 11.31
N LEU B 43 -1.70 37.83 10.58
CA LEU B 43 -1.84 36.64 9.72
C LEU B 43 -1.33 37.01 8.33
N THR B 44 -0.01 36.90 8.18
CA THR B 44 0.71 37.42 7.04
C THR B 44 1.22 36.30 6.16
N PRO B 45 1.54 36.60 4.89
CA PRO B 45 2.20 35.59 4.05
C PRO B 45 3.51 35.11 4.65
N GLN B 46 4.27 36.01 5.27
CA GLN B 46 5.52 35.61 5.92
C GLN B 46 5.28 34.58 7.01
N LEU B 47 4.21 34.77 7.80
CA LEU B 47 3.89 33.81 8.86
C LEU B 47 3.56 32.45 8.26
N ILE B 48 2.63 32.41 7.31
CA ILE B 48 2.23 31.15 6.71
C ILE B 48 3.41 30.49 6.02
N ALA B 49 4.18 31.26 5.25
CA ALA B 49 5.31 30.70 4.52
C ALA B 49 6.29 30.01 5.47
N GLY B 50 6.60 30.65 6.59
CA GLY B 50 7.53 30.05 7.53
C GLY B 50 7.00 28.76 8.12
N LEU B 51 5.70 28.71 8.38
CA LEU B 51 5.07 27.51 8.93
C LEU B 51 5.11 26.35 7.94
N TYR B 52 5.01 26.66 6.64
CA TYR B 52 4.92 25.64 5.60
C TYR B 52 6.25 25.34 4.91
N ASN B 53 7.32 26.01 5.31
CA ASN B 53 8.62 25.86 4.67
C ASN B 53 8.57 26.20 3.17
N VAL B 54 8.04 27.39 2.89
CA VAL B 54 8.00 27.94 1.54
C VAL B 54 8.42 29.40 1.61
N LYS B 55 8.80 29.92 0.44
CA LYS B 55 9.21 31.32 0.27
C LYS B 55 7.92 32.10 0.37
N PRO B 56 7.74 33.40 1.10
CA PRO B 56 6.52 34.22 1.22
C PRO B 56 5.83 34.46 -0.11
N ASP B 57 6.58 34.69 -1.18
N ASP B 57 6.61 34.60 -1.17
CA ASP B 57 5.96 34.91 -2.48
CA ASP B 57 6.05 34.88 -2.51
C ASP B 57 5.30 33.66 -3.05
C ASP B 57 5.24 33.68 -3.00
N PHE B 58 5.48 32.51 -2.40
CA PHE B 58 4.75 31.32 -2.79
C PHE B 58 3.29 31.40 -2.39
N ILE B 59 2.99 32.09 -1.28
CA ILE B 59 1.61 32.35 -0.90
C ILE B 59 1.00 33.26 -1.96
N HIS B 60 -0.07 32.79 -2.61
CA HIS B 60 -0.63 33.52 -3.74
C HIS B 60 -1.59 34.60 -3.26
N ARG B 61 -2.52 34.25 -2.38
CA ARG B 61 -3.47 35.21 -1.85
C ARG B 61 -3.88 34.80 -0.44
N ILE B 62 -4.17 35.82 0.38
CA ILE B 62 -4.88 35.63 1.65
C ILE B 62 -6.15 36.47 1.55
N ILE B 63 -7.30 35.81 1.55
CA ILE B 63 -8.58 36.44 1.24
C ILE B 63 -9.41 36.53 2.51
N TRP B 64 -9.87 37.73 2.85
CA TRP B 64 -10.66 37.96 4.05
C TRP B 64 -12.13 38.03 3.63
N PHE B 65 -12.83 36.93 3.85
CA PHE B 65 -14.23 36.76 3.42
C PHE B 65 -15.16 37.22 4.54
N ASP B 66 -15.53 38.50 4.50
CA ASP B 66 -16.31 39.08 5.58
C ASP B 66 -17.65 38.40 5.82
N PRO B 67 -18.40 37.97 4.79
CA PRO B 67 -19.75 37.45 5.05
C PRO B 67 -19.77 36.24 5.96
N ALA B 68 -18.67 35.51 6.05
CA ALA B 68 -18.59 34.27 6.81
C ALA B 68 -17.53 34.31 7.90
N ASN B 69 -17.00 35.49 8.24
CA ASN B 69 -15.91 35.61 9.21
C ASN B 69 -14.83 34.55 8.93
N ALA B 70 -14.39 34.50 7.69
CA ALA B 70 -13.50 33.43 7.23
C ALA B 70 -12.31 34.02 6.49
N VAL B 71 -11.19 33.31 6.56
CA VAL B 71 -10.01 33.63 5.78
C VAL B 71 -9.66 32.42 4.94
N LYS B 72 -9.30 32.66 3.68
CA LYS B 72 -8.84 31.62 2.78
C LYS B 72 -7.41 31.95 2.37
N ILE B 73 -6.50 31.00 2.57
CA ILE B 73 -5.13 31.13 2.10
C ILE B 73 -4.99 30.25 0.86
N VAL B 74 -4.43 30.80 -0.20
CA VAL B 74 -4.30 30.12 -1.49
C VAL B 74 -2.83 30.01 -1.87
N MET B 75 -2.37 28.81 -2.05
CA MET B 75 -1.04 28.72 -2.59
C MET B 75 -1.14 27.70 -3.67
N PRO B 76 -0.18 27.60 -4.74
CA PRO B 76 0.13 26.54 -6.00
C PRO B 76 0.43 25.24 -5.25
N ARG B 77 -0.04 24.12 -5.76
CA ARG B 77 0.39 22.81 -5.23
C ARG B 77 1.77 22.66 -5.87
N ASP B 78 2.80 22.30 -5.11
CA ASP B 78 4.12 22.10 -5.76
C ASP B 78 4.20 20.70 -6.35
N ILE B 79 3.22 19.84 -6.07
CA ILE B 79 3.06 18.58 -6.80
C ILE B 79 1.63 18.56 -7.30
N ILE B 80 1.44 18.55 -8.61
CA ILE B 80 0.09 18.53 -9.16
C ILE B 80 -0.62 17.27 -8.64
N SER B 81 -1.92 17.42 -8.34
CA SER B 81 -2.68 16.30 -7.75
C SER B 81 -2.57 15.06 -8.61
N GLY B 82 -2.07 13.98 -8.01
CA GLY B 82 -1.93 12.72 -8.72
C GLY B 82 -0.63 12.56 -9.47
N ASN B 83 0.23 13.57 -9.47
CA ASN B 83 1.52 13.41 -10.12
C ASN B 83 2.38 12.39 -9.37
N VAL B 84 3.31 11.78 -10.11
CA VAL B 84 4.29 10.91 -9.47
C VAL B 84 4.94 11.66 -8.32
N GLY B 85 5.06 10.98 -7.17
CA GLY B 85 5.61 11.61 -5.97
C GLY B 85 4.63 12.34 -5.08
N ASP B 86 3.36 12.41 -5.44
CA ASP B 86 2.38 13.11 -4.60
C ASP B 86 2.30 12.47 -3.21
N ASN B 87 1.94 13.29 -2.22
CA ASN B 87 1.64 12.83 -0.87
C ASN B 87 0.18 12.91 -0.49
N ASP B 88 -0.64 13.68 -1.21
CA ASP B 88 -2.00 13.96 -0.73
C ASP B 88 -2.84 14.38 -1.96
N VAL B 89 -3.40 13.38 -2.64
CA VAL B 89 -4.05 13.61 -3.93
C VAL B 89 -5.19 14.62 -3.81
N TYR B 90 -6.05 14.47 -2.79
CA TYR B 90 -7.17 15.39 -2.60
C TYR B 90 -6.77 16.70 -1.95
N GLY B 91 -5.54 16.81 -1.44
CA GLY B 91 -5.10 17.99 -0.74
C GLY B 91 -5.76 18.20 0.62
N ALA B 92 -6.15 17.12 1.29
CA ALA B 92 -7.09 17.17 2.40
C ALA B 92 -6.46 17.20 3.79
N GLN B 93 -5.14 16.98 3.94
CA GLN B 93 -4.54 16.89 5.26
C GLN B 93 -3.27 17.73 5.35
N GLN B 94 -3.32 18.97 4.88
CA GLN B 94 -2.19 19.88 4.87
C GLN B 94 -2.37 21.04 5.85
N HIS B 95 -3.30 20.92 6.79
CA HIS B 95 -3.64 22.04 7.67
C HIS B 95 -2.79 22.12 8.93
N ALA B 96 -2.03 21.08 9.27
CA ALA B 96 -1.47 21.00 10.62
C ALA B 96 -0.59 22.18 11.00
N PRO B 97 0.22 22.75 10.12
CA PRO B 97 1.06 23.89 10.55
C PRO B 97 0.26 25.05 11.11
N LEU B 98 -0.97 25.24 10.64
CA LEU B 98 -1.80 26.33 11.15
C LEU B 98 -2.15 26.15 12.62
N LEU B 99 -2.13 24.90 13.11
CA LEU B 99 -2.55 24.64 14.48
C LEU B 99 -1.58 25.21 15.52
N SER B 100 -0.36 25.57 15.13
CA SER B 100 0.56 26.19 16.07
C SER B 100 0.44 27.71 16.13
N ILE B 101 -0.48 28.32 15.38
CA ILE B 101 -0.50 29.78 15.32
C ILE B 101 -1.03 30.33 16.63
N GLU B 102 -0.32 31.34 17.16
CA GLU B 102 -0.80 32.13 18.32
C GLU B 102 -0.73 33.60 17.92
N PHE B 103 -1.69 34.38 18.36
CA PHE B 103 -1.72 35.80 18.08
C PHE B 103 -1.26 36.54 19.32
N ASP B 104 -0.40 37.52 19.13
CA ASP B 104 0.05 38.39 20.21
C ASP B 104 -1.02 39.46 20.45
N PHE B 105 -2.13 39.06 21.08
CA PHE B 105 -3.25 39.95 21.48
C PHE B 105 -4.10 39.24 22.53
N MET C 1 38.17 -34.87 3.76
CA MET C 1 38.88 -35.69 2.75
C MET C 1 40.39 -35.42 2.79
N ALA C 2 40.79 -34.30 2.20
CA ALA C 2 42.22 -33.97 2.11
C ALA C 2 42.34 -32.48 1.85
N ARG C 3 43.18 -31.81 2.63
CA ARG C 3 43.31 -30.36 2.53
C ARG C 3 41.90 -29.76 2.59
N THR C 4 41.36 -29.12 1.54
CA THR C 4 40.16 -28.25 1.70
C THR C 4 39.12 -28.34 0.58
N PHE C 5 37.93 -27.84 0.86
CA PHE C 5 36.86 -27.74 -0.12
C PHE C 5 36.22 -26.37 0.05
N LYS C 6 36.27 -25.55 -1.00
CA LYS C 6 35.87 -24.15 -0.94
C LYS C 6 34.50 -23.96 -1.58
N ILE C 7 33.55 -23.43 -0.80
CA ILE C 7 32.17 -23.18 -1.26
C ILE C 7 31.95 -21.68 -1.35
N LEU C 8 31.53 -21.22 -2.52
CA LEU C 8 31.15 -19.82 -2.72
C LEU C 8 29.63 -19.67 -2.73
N SER C 9 29.10 -18.91 -1.78
CA SER C 9 27.70 -18.53 -1.75
C SER C 9 27.59 -17.08 -2.18
N PRO C 10 27.03 -16.79 -3.36
CA PRO C 10 27.15 -15.43 -3.92
C PRO C 10 26.20 -14.40 -3.32
N THR C 11 25.06 -14.82 -2.78
CA THR C 11 24.01 -13.91 -2.33
C THR C 11 23.06 -14.68 -1.42
N ALA C 12 22.25 -13.95 -0.65
CA ALA C 12 21.41 -14.61 0.35
C ALA C 12 20.32 -15.45 -0.29
N ILE C 13 19.65 -14.87 -1.30
CA ILE C 13 18.69 -15.59 -2.14
C ILE C 13 19.03 -15.23 -3.58
N LEU C 14 19.12 -16.24 -4.44
CA LEU C 14 19.41 -16.01 -5.86
C LEU C 14 18.44 -14.97 -6.41
N GLY C 15 19.00 -13.91 -6.99
CA GLY C 15 18.22 -12.78 -7.45
C GLY C 15 18.40 -11.53 -6.62
N TYR C 16 18.88 -11.66 -5.38
CA TYR C 16 19.09 -10.49 -4.54
C TYR C 16 20.28 -9.65 -4.97
N GLY C 17 21.16 -10.19 -5.80
CA GLY C 17 22.29 -9.43 -6.31
C GLY C 17 23.52 -9.52 -5.42
N PHE C 18 24.59 -8.89 -5.90
CA PHE C 18 25.85 -8.81 -5.18
C PHE C 18 26.77 -7.88 -5.96
N PRO C 19 27.76 -7.28 -5.29
CA PRO C 19 28.70 -6.42 -6.02
C PRO C 19 29.53 -7.27 -6.97
N GLU C 20 29.67 -6.80 -8.20
CA GLU C 20 30.50 -7.51 -9.17
C GLU C 20 31.91 -7.76 -8.62
N GLU C 21 32.47 -6.77 -7.92
CA GLU C 21 33.84 -6.91 -7.42
C GLU C 21 33.94 -8.01 -6.37
N SER C 22 32.90 -8.18 -5.55
CA SER C 22 32.92 -9.24 -4.55
C SER C 22 32.97 -10.60 -5.22
N PHE C 23 32.15 -10.79 -6.26
CA PHE C 23 32.14 -12.07 -6.95
C PHE C 23 33.46 -12.33 -7.65
N ARG C 24 34.01 -11.31 -8.31
N ARG C 24 34.00 -11.30 -8.28
CA ARG C 24 35.32 -11.46 -8.96
CA ARG C 24 35.31 -11.41 -8.99
C ARG C 24 36.38 -11.89 -7.96
C ARG C 24 36.39 -11.84 -7.98
N LYS C 25 36.44 -11.22 -6.80
CA LYS C 25 37.44 -11.57 -5.80
C LYS C 25 37.21 -12.98 -5.28
N ALA C 26 35.94 -13.38 -5.13
CA ALA C 26 35.65 -14.74 -4.69
C ALA C 26 36.13 -15.77 -5.68
N MET C 27 35.96 -15.50 -6.98
CA MET C 27 36.45 -16.43 -8.00
C MET C 27 37.97 -16.53 -7.99
N GLU C 28 38.66 -15.44 -7.65
CA GLU C 28 40.12 -15.51 -7.54
C GLU C 28 40.57 -16.46 -6.43
N ALA C 29 39.70 -16.75 -5.46
CA ALA C 29 39.99 -17.72 -4.41
C ALA C 29 39.78 -19.16 -4.86
N SER C 30 39.34 -19.38 -6.12
CA SER C 30 39.23 -20.70 -6.72
C SER C 30 38.26 -21.60 -5.98
N PRO C 31 36.96 -21.29 -5.99
CA PRO C 31 36.01 -22.18 -5.32
C PRO C 31 35.95 -23.54 -6.00
N ASP C 32 35.59 -24.56 -5.21
CA ASP C 32 35.30 -25.88 -5.72
C ASP C 32 33.82 -26.06 -6.01
N LEU C 33 33.00 -25.11 -5.57
CA LEU C 33 31.55 -25.22 -5.73
C LEU C 33 31.00 -23.80 -5.65
N ILE C 34 30.09 -23.48 -6.57
CA ILE C 34 29.30 -22.27 -6.50
C ILE C 34 27.90 -22.74 -6.19
N ALA C 35 27.38 -22.37 -5.02
CA ALA C 35 26.09 -22.85 -4.56
C ALA C 35 25.31 -21.68 -4.00
N VAL C 36 23.98 -21.75 -4.14
CA VAL C 36 23.14 -20.65 -3.71
C VAL C 36 21.77 -21.19 -3.38
N ASP C 37 21.16 -20.60 -2.35
CA ASP C 37 19.75 -20.81 -2.05
C ASP C 37 18.93 -19.89 -2.93
N ALA C 38 17.91 -20.43 -3.58
CA ALA C 38 17.03 -19.63 -4.42
C ALA C 38 15.63 -19.45 -3.81
N GLY C 39 15.36 -19.96 -2.62
CA GLY C 39 14.00 -19.83 -2.12
C GLY C 39 13.89 -20.05 -0.63
N SER C 40 12.69 -19.82 -0.13
CA SER C 40 12.39 -19.71 1.29
C SER C 40 10.88 -19.76 1.48
N SER C 41 10.47 -20.15 2.69
CA SER C 41 9.07 -20.01 3.10
C SER C 41 8.78 -18.68 3.81
N ASP C 42 9.81 -17.96 4.25
CA ASP C 42 9.58 -16.70 4.96
C ASP C 42 8.69 -15.70 4.26
N PRO C 43 8.75 -15.54 2.93
CA PRO C 43 7.92 -14.52 2.28
C PRO C 43 6.43 -14.80 2.35
N GLY C 44 6.01 -15.93 2.90
CA GLY C 44 4.62 -16.21 3.08
C GLY C 44 4.07 -17.13 2.02
N PRO C 45 2.80 -17.51 2.19
CA PRO C 45 2.22 -18.59 1.38
C PRO C 45 1.78 -18.21 -0.03
N HIS C 46 1.78 -16.92 -0.37
CA HIS C 46 1.33 -16.56 -1.72
C HIS C 46 2.18 -17.21 -2.79
N TYR C 47 3.48 -17.29 -2.56
CA TYR C 47 4.38 -17.60 -3.67
C TYR C 47 4.30 -19.07 -4.04
N LEU C 48 4.29 -19.95 -3.05
CA LEU C 48 4.03 -21.37 -3.31
C LEU C 48 2.60 -21.55 -3.82
N GLY C 49 1.63 -20.92 -3.15
CA GLY C 49 0.24 -21.17 -3.48
C GLY C 49 -0.13 -20.75 -4.90
N ALA C 50 0.33 -19.58 -5.32
CA ALA C 50 0.03 -19.05 -6.65
C ALA C 50 1.04 -19.46 -7.71
N GLY C 51 2.09 -20.19 -7.34
CA GLY C 51 3.10 -20.56 -8.31
C GLY C 51 3.97 -19.42 -8.80
N LYS C 52 4.25 -18.44 -7.94
CA LYS C 52 4.92 -17.22 -8.37
C LYS C 52 6.24 -17.04 -7.62
N PRO C 53 7.20 -16.35 -8.23
CA PRO C 53 8.47 -16.08 -7.54
C PRO C 53 8.34 -14.87 -6.63
N PHE C 54 9.04 -14.90 -5.49
CA PHE C 54 9.16 -13.70 -4.64
C PHE C 54 10.42 -12.94 -5.09
N THR C 55 11.26 -13.50 -5.95
CA THR C 55 12.45 -12.85 -6.51
C THR C 55 12.12 -12.29 -7.89
N ASP C 56 12.99 -11.47 -8.41
CA ASP C 56 12.84 -10.76 -9.70
C ASP C 56 13.47 -11.56 -10.84
N ARG C 57 12.79 -11.74 -11.95
CA ARG C 57 13.39 -12.46 -13.08
C ARG C 57 14.69 -11.81 -13.54
N ALA C 58 14.69 -10.48 -13.72
CA ALA C 58 15.90 -9.82 -14.16
C ALA C 58 17.03 -9.99 -13.15
N GLY C 59 16.73 -9.84 -11.86
CA GLY C 59 17.74 -10.09 -10.84
C GLY C 59 18.27 -11.52 -10.87
N VAL C 60 17.36 -12.50 -10.94
CA VAL C 60 17.81 -13.89 -10.98
C VAL C 60 18.69 -14.14 -12.20
N LYS C 61 18.25 -13.61 -13.35
CA LYS C 61 19.02 -13.78 -14.57
C LYS C 61 20.37 -13.10 -14.47
N ARG C 62 20.40 -11.90 -13.89
CA ARG C 62 21.67 -11.22 -13.68
C ARG C 62 22.63 -12.03 -12.81
N ASP C 63 22.14 -12.49 -11.66
CA ASP C 63 23.03 -13.24 -10.77
C ASP C 63 23.48 -14.53 -11.42
N LEU C 64 22.57 -15.24 -12.08
CA LEU C 64 22.91 -16.52 -12.69
C LEU C 64 23.91 -16.36 -13.83
N ARG C 65 23.86 -15.23 -14.54
CA ARG C 65 24.83 -15.04 -15.61
C ARG C 65 26.24 -15.09 -15.07
N TYR C 66 26.50 -14.35 -13.99
CA TYR C 66 27.82 -14.41 -13.35
C TYR C 66 28.17 -15.83 -12.96
N MET C 67 27.22 -16.53 -12.34
CA MET C 67 27.52 -17.81 -11.72
C MET C 67 27.76 -18.89 -12.77
N ILE C 68 26.92 -18.92 -13.81
CA ILE C 68 27.01 -19.99 -14.79
C ILE C 68 28.19 -19.78 -15.73
N VAL C 69 28.43 -18.53 -16.17
CA VAL C 69 29.63 -18.26 -16.95
C VAL C 69 30.87 -18.69 -16.18
N ALA C 70 30.96 -18.31 -14.91
CA ALA C 70 32.12 -18.69 -14.08
C ALA C 70 32.20 -20.20 -13.90
N GLY C 71 31.08 -20.84 -13.55
CA GLY C 71 31.11 -22.28 -13.31
C GLY C 71 31.53 -23.06 -14.55
N VAL C 72 30.94 -22.72 -15.70
CA VAL C 72 31.27 -23.45 -16.92
C VAL C 72 32.70 -23.17 -17.34
N LYS C 73 33.16 -21.92 -17.24
CA LYS C 73 34.54 -21.54 -17.63
C LYS C 73 35.57 -22.31 -16.79
N ASN C 74 35.34 -22.50 -15.49
CA ASN C 74 36.35 -23.05 -14.61
C ASN C 74 36.06 -24.49 -14.19
N ASN C 75 35.05 -25.12 -14.76
CA ASN C 75 34.72 -26.51 -14.43
C ASN C 75 34.39 -26.67 -12.95
N ILE C 76 33.63 -25.71 -12.43
CA ILE C 76 33.16 -25.68 -11.03
C ILE C 76 31.65 -25.96 -11.08
N PRO C 77 31.09 -26.99 -10.41
CA PRO C 77 29.66 -27.18 -10.44
C PRO C 77 28.87 -26.01 -9.84
N VAL C 78 27.72 -25.71 -10.40
CA VAL C 78 26.80 -24.67 -9.87
C VAL C 78 25.58 -25.41 -9.31
N VAL C 79 25.25 -25.27 -8.03
CA VAL C 79 24.15 -26.01 -7.42
C VAL C 79 23.20 -25.00 -6.79
N ILE C 80 21.90 -25.15 -7.09
CA ILE C 80 20.86 -24.22 -6.67
C ILE C 80 19.76 -25.01 -5.98
N GLY C 81 19.33 -24.56 -4.81
CA GLY C 81 18.21 -25.17 -4.10
C GLY C 81 16.99 -24.26 -4.11
N THR C 82 15.80 -24.88 -4.06
CA THR C 82 14.53 -24.14 -4.07
C THR C 82 14.46 -23.18 -5.25
N ALA C 83 14.69 -23.72 -6.44
CA ALA C 83 14.64 -22.92 -7.66
C ALA C 83 13.37 -22.07 -7.73
N GLY C 84 13.52 -20.82 -8.15
CA GLY C 84 12.36 -19.99 -8.43
C GLY C 84 11.62 -19.46 -7.22
N GLY C 85 12.24 -19.46 -6.06
CA GLY C 85 11.63 -18.89 -4.87
C GLY C 85 10.94 -19.86 -3.95
N SER C 86 10.19 -20.81 -4.53
CA SER C 86 9.43 -21.76 -3.75
C SER C 86 9.66 -23.20 -4.19
N GLY C 87 10.20 -23.43 -5.37
CA GLY C 87 10.67 -24.76 -5.72
C GLY C 87 9.62 -25.77 -6.11
N ALA C 88 8.40 -25.34 -6.42
CA ALA C 88 7.42 -26.20 -7.05
C ALA C 88 7.64 -26.22 -8.56
N ALA C 89 6.88 -27.06 -9.26
CA ALA C 89 7.07 -27.20 -10.71
C ALA C 89 7.09 -25.86 -11.45
N PRO C 90 6.17 -24.92 -11.23
CA PRO C 90 6.26 -23.66 -11.97
C PRO C 90 7.48 -22.83 -11.61
N HIS C 91 7.95 -22.89 -10.36
CA HIS C 91 9.12 -22.14 -9.98
C HIS C 91 10.36 -22.74 -10.61
N LEU C 92 10.42 -24.07 -10.66
CA LEU C 92 11.56 -24.76 -11.28
C LEU C 92 11.61 -24.46 -12.78
N GLU C 93 10.47 -24.52 -13.46
CA GLU C 93 10.43 -24.23 -14.89
C GLU C 93 10.80 -22.79 -15.16
N TRP C 94 10.34 -21.88 -14.29
CA TRP C 94 10.67 -20.46 -14.45
C TRP C 94 12.18 -20.23 -14.40
N CYS C 95 12.86 -20.84 -13.46
CA CYS C 95 14.30 -20.66 -13.38
C CYS C 95 15.00 -21.41 -14.51
N ARG C 96 14.45 -22.56 -14.90
CA ARG C 96 15.05 -23.31 -16.00
C ARG C 96 15.06 -22.47 -17.28
N GLN C 97 13.96 -21.76 -17.55
CA GLN C 97 13.90 -20.93 -18.76
C GLN C 97 14.92 -19.80 -18.71
N ILE C 98 15.13 -19.20 -17.54
CA ILE C 98 16.17 -18.19 -17.39
C ILE C 98 17.53 -18.76 -17.80
N ILE C 99 17.84 -19.97 -17.34
CA ILE C 99 19.15 -20.55 -17.60
C ILE C 99 19.31 -20.86 -19.09
N HIS C 100 18.23 -21.32 -19.73
CA HIS C 100 18.31 -21.52 -21.19
C HIS C 100 18.65 -20.21 -21.89
N GLU C 101 18.08 -19.09 -21.43
CA GLU C 101 18.34 -17.81 -22.10
C GLU C 101 19.79 -17.39 -21.90
N ILE C 102 20.35 -17.65 -20.71
CA ILE C 102 21.75 -17.32 -20.49
C ILE C 102 22.65 -18.11 -21.43
N ALA C 103 22.37 -19.41 -21.60
CA ALA C 103 23.16 -20.22 -22.50
C ALA C 103 23.05 -19.71 -23.93
N GLN C 104 21.85 -19.32 -24.35
N GLN C 104 21.84 -19.33 -24.37
CA GLN C 104 21.65 -18.79 -25.74
CA GLN C 104 21.58 -18.74 -25.72
C GLN C 104 22.38 -17.41 -25.83
C GLN C 104 22.35 -17.39 -25.84
N GLU C 105 22.42 -16.52 -24.81
CA GLU C 105 23.06 -15.21 -24.92
C GLU C 105 24.58 -15.29 -24.80
N GLU C 106 25.10 -16.18 -23.96
CA GLU C 106 26.53 -16.29 -23.74
C GLU C 106 27.16 -17.38 -24.60
N LYS C 107 26.37 -18.08 -25.40
CA LYS C 107 26.85 -19.11 -26.32
C LYS C 107 27.54 -20.26 -25.57
N LEU C 108 26.88 -20.72 -24.51
CA LEU C 108 27.39 -21.76 -23.64
C LEU C 108 26.69 -23.09 -23.91
N SER C 109 27.39 -24.18 -23.61
CA SER C 109 26.83 -25.52 -23.64
C SER C 109 27.22 -26.23 -22.35
N PHE C 110 26.24 -26.81 -21.67
CA PHE C 110 26.55 -27.52 -20.43
C PHE C 110 25.41 -28.47 -20.11
N SER C 111 25.72 -29.48 -19.30
CA SER C 111 24.67 -30.34 -18.78
C SER C 111 24.02 -29.69 -17.57
N MET C 112 22.69 -29.77 -17.49
CA MET C 112 21.93 -29.26 -16.35
C MET C 112 20.98 -30.33 -15.85
N ALA C 113 21.05 -30.62 -14.56
CA ALA C 113 20.11 -31.52 -13.91
C ALA C 113 18.97 -30.73 -13.31
N LEU C 114 17.76 -31.24 -13.49
CA LEU C 114 16.57 -30.71 -12.83
C LEU C 114 16.08 -31.74 -11.84
N ILE C 115 15.77 -31.32 -10.61
CA ILE C 115 15.32 -32.23 -9.53
C ILE C 115 14.00 -31.70 -9.00
N PRO C 116 12.83 -32.11 -9.52
CA PRO C 116 11.58 -31.64 -8.97
C PRO C 116 11.29 -32.13 -7.54
N SER C 117 10.54 -31.35 -6.77
CA SER C 117 10.17 -31.67 -5.37
C SER C 117 8.65 -31.75 -5.21
N ASP C 118 7.88 -31.70 -6.31
CA ASP C 118 6.44 -31.74 -6.17
C ASP C 118 5.99 -33.11 -5.68
N VAL C 119 4.93 -33.11 -4.87
CA VAL C 119 4.36 -34.32 -4.27
C VAL C 119 2.88 -34.38 -4.60
N ASP C 120 2.46 -35.43 -5.28
CA ASP C 120 1.06 -35.56 -5.65
C ASP C 120 0.18 -35.69 -4.41
N LYS C 121 -1.01 -35.10 -4.47
CA LYS C 121 -1.92 -35.15 -3.32
C LYS C 121 -2.24 -36.58 -2.88
N ALA C 122 -2.30 -37.52 -3.82
CA ALA C 122 -2.67 -38.88 -3.45
C ALA C 122 -1.65 -39.48 -2.47
N ILE C 123 -0.38 -39.16 -2.65
CA ILE C 123 0.66 -39.64 -1.74
C ILE C 123 0.43 -39.10 -0.34
N VAL C 124 0.09 -37.82 -0.23
CA VAL C 124 -0.13 -37.21 1.08
C VAL C 124 -1.40 -37.78 1.73
N HIS C 125 -2.47 -37.90 0.95
CA HIS C 125 -3.70 -38.51 1.48
C HIS C 125 -3.42 -39.88 2.07
N GLN C 126 -2.72 -40.72 1.31
CA GLN C 126 -2.43 -42.07 1.77
C GLN C 126 -1.55 -42.07 3.00
N ALA C 127 -0.52 -41.22 3.02
CA ALA C 127 0.36 -41.16 4.19
C ALA C 127 -0.38 -40.72 5.43
N LEU C 128 -1.32 -39.77 5.29
CA LEU C 128 -2.11 -39.34 6.43
C LEU C 128 -2.90 -40.51 7.02
N ASP C 129 -3.56 -41.30 6.17
CA ASP C 129 -4.33 -42.43 6.67
C ASP C 129 -3.45 -43.53 7.23
N ASN C 130 -2.21 -43.65 6.75
CA ASN C 130 -1.27 -44.68 7.21
C ASN C 130 -0.43 -44.24 8.41
N GLY C 131 -0.75 -43.10 9.02
CA GLY C 131 -0.04 -42.65 10.20
C GLY C 131 1.39 -42.21 9.94
N LYS C 132 1.70 -41.74 8.74
CA LYS C 132 3.09 -41.35 8.38
C LYS C 132 3.26 -39.83 8.31
N ILE C 133 2.27 -39.05 8.76
CA ILE C 133 2.37 -37.60 8.80
C ILE C 133 2.51 -37.14 10.25
N THR C 134 3.43 -36.21 10.48
CA THR C 134 3.65 -35.63 11.81
C THR C 134 3.67 -34.12 11.68
N ALA C 135 2.81 -33.43 12.45
CA ALA C 135 2.83 -31.97 12.47
C ALA C 135 4.09 -31.46 13.17
N LEU C 136 4.65 -30.38 12.66
CA LEU C 136 5.74 -29.69 13.35
C LEU C 136 5.17 -28.85 14.49
N ASP C 137 6.06 -28.28 15.31
CA ASP C 137 5.63 -27.55 16.51
C ASP C 137 4.57 -26.51 16.16
N PHE C 138 3.46 -26.54 16.89
CA PHE C 138 2.38 -25.55 16.82
C PHE C 138 1.59 -25.62 15.51
N VAL C 139 1.86 -26.60 14.66
CA VAL C 139 1.13 -26.78 13.41
C VAL C 139 -0.16 -27.56 13.67
N PRO C 140 -1.28 -27.16 13.09
CA PRO C 140 -2.52 -27.93 13.28
C PRO C 140 -2.39 -29.31 12.65
N GLU C 141 -3.22 -30.23 13.14
N GLU C 141 -3.24 -30.22 13.14
CA GLU C 141 -3.28 -31.60 12.58
CA GLU C 141 -3.24 -31.59 12.60
C GLU C 141 -3.72 -31.48 11.11
C GLU C 141 -3.73 -31.53 11.15
N LEU C 142 -3.06 -32.21 10.22
CA LEU C 142 -3.42 -32.21 8.80
C LEU C 142 -4.72 -32.98 8.60
N THR C 143 -5.57 -32.46 7.71
CA THR C 143 -6.81 -33.11 7.34
C THR C 143 -6.80 -33.41 5.85
N HIS C 144 -7.66 -34.35 5.45
CA HIS C 144 -7.84 -34.62 4.02
C HIS C 144 -8.36 -33.39 3.29
N GLU C 145 -9.27 -32.64 3.91
CA GLU C 145 -9.79 -31.44 3.26
C GLU C 145 -8.69 -30.41 3.03
N ALA C 146 -7.77 -30.26 3.99
CA ALA C 146 -6.66 -29.34 3.82
C ALA C 146 -5.74 -29.79 2.68
N ILE C 147 -5.44 -31.08 2.60
CA ILE C 147 -4.67 -31.59 1.48
C ILE C 147 -5.36 -31.27 0.17
N GLU C 148 -6.65 -31.63 0.07
CA GLU C 148 -7.36 -31.51 -1.19
C GLU C 148 -7.45 -30.06 -1.65
N GLU C 149 -7.61 -29.13 -0.71
CA GLU C 149 -7.78 -27.72 -1.07
C GLU C 149 -6.45 -26.97 -1.24
N SER C 150 -5.32 -27.63 -1.00
CA SER C 150 -4.04 -27.00 -1.27
C SER C 150 -3.80 -26.97 -2.77
N THR C 151 -2.88 -26.10 -3.20
CA THR C 151 -2.45 -26.11 -4.59
C THR C 151 -1.16 -26.93 -4.70
N TYR C 152 -0.04 -26.28 -5.00
CA TYR C 152 1.23 -26.98 -5.12
C TYR C 152 1.71 -27.47 -3.75
N ILE C 153 2.07 -28.75 -3.67
CA ILE C 153 2.67 -29.32 -2.47
C ILE C 153 4.10 -29.72 -2.83
N VAL C 154 5.06 -29.34 -1.98
CA VAL C 154 6.45 -29.65 -2.21
C VAL C 154 7.07 -30.25 -0.96
N ALA C 155 8.15 -31.03 -1.16
CA ALA C 155 8.93 -31.68 -0.09
C ALA C 155 10.34 -31.09 -0.12
N GLN C 156 10.94 -30.77 1.03
CA GLN C 156 12.31 -30.20 1.09
C GLN C 156 13.34 -31.34 0.96
N MET C 157 14.04 -31.44 -0.16
CA MET C 157 14.99 -32.53 -0.44
C MET C 157 16.26 -32.36 0.40
N GLY C 158 17.00 -33.46 0.59
CA GLY C 158 18.27 -33.28 1.42
C GLY C 158 19.43 -33.40 0.46
N ILE C 159 20.55 -33.93 0.90
CA ILE C 159 21.75 -33.92 0.06
C ILE C 159 21.70 -34.99 -1.03
N GLU C 160 21.02 -36.12 -0.78
CA GLU C 160 21.18 -37.27 -1.67
C GLU C 160 20.75 -37.02 -3.12
N PRO C 161 19.62 -36.36 -3.40
CA PRO C 161 19.28 -36.09 -4.80
C PRO C 161 20.32 -35.24 -5.51
N PHE C 162 20.86 -34.23 -4.83
CA PHE C 162 21.91 -33.43 -5.45
C PHE C 162 23.11 -34.31 -5.77
N GLN C 163 23.46 -35.22 -4.87
CA GLN C 163 24.64 -36.05 -5.09
C GLN C 163 24.48 -36.94 -6.31
N ARG C 164 23.30 -37.56 -6.48
CA ARG C 164 23.10 -38.41 -7.65
C ARG C 164 23.20 -37.60 -8.94
N ALA C 165 22.66 -36.38 -8.96
CA ALA C 165 22.78 -35.57 -10.18
C ALA C 165 24.23 -35.19 -10.44
N LEU C 166 24.95 -34.78 -9.40
CA LEU C 166 26.36 -34.43 -9.55
C LEU C 166 27.18 -35.64 -10.00
N ALA C 167 26.87 -36.82 -9.47
CA ALA C 167 27.65 -38.02 -9.82
C ALA C 167 27.46 -38.38 -11.28
N ALA C 168 26.33 -38.02 -11.87
CA ALA C 168 26.07 -38.27 -13.27
C ALA C 168 26.69 -37.21 -14.19
N GLY C 169 27.44 -36.27 -13.63
CA GLY C 169 28.17 -35.32 -14.43
C GLY C 169 27.49 -33.99 -14.66
N ALA C 170 26.40 -33.71 -13.96
CA ALA C 170 25.71 -32.45 -14.18
C ALA C 170 26.61 -31.27 -13.83
N GLN C 171 26.68 -30.30 -14.75
CA GLN C 171 27.52 -29.13 -14.49
C GLN C 171 26.75 -28.04 -13.76
N VAL C 172 25.44 -28.00 -13.93
CA VAL C 172 24.53 -27.13 -13.18
C VAL C 172 23.45 -28.02 -12.62
N VAL C 173 23.16 -27.87 -11.34
CA VAL C 173 22.11 -28.66 -10.69
C VAL C 173 21.04 -27.71 -10.19
N LEU C 174 19.86 -27.79 -10.79
CA LEU C 174 18.73 -26.92 -10.46
C LEU C 174 17.75 -27.76 -9.64
N GLY C 175 17.79 -27.61 -8.32
CA GLY C 175 16.90 -28.35 -7.44
C GLY C 175 15.62 -27.57 -7.14
N GLY C 176 14.51 -28.30 -7.07
CA GLY C 176 13.29 -27.79 -6.48
C GLY C 176 13.47 -27.56 -4.99
N ARG C 177 12.33 -27.45 -4.30
CA ARG C 177 12.35 -27.14 -2.87
C ARG C 177 13.35 -28.04 -2.15
N ALA C 178 14.21 -27.43 -1.35
CA ALA C 178 15.36 -28.11 -0.77
C ALA C 178 15.64 -27.54 0.61
N TYR C 179 16.13 -28.42 1.49
CA TYR C 179 16.68 -28.01 2.77
C TYR C 179 17.91 -27.14 2.49
N ASP C 180 17.91 -25.90 2.99
CA ASP C 180 18.92 -24.92 2.57
C ASP C 180 20.36 -25.42 2.72
N PRO C 181 20.78 -26.01 3.84
CA PRO C 181 22.19 -26.43 3.94
C PRO C 181 22.57 -27.49 2.92
N ALA C 182 21.60 -28.25 2.40
CA ALA C 182 21.92 -29.39 1.55
C ALA C 182 22.54 -28.95 0.22
N CYS C 183 22.07 -27.82 -0.34
N CYS C 183 22.11 -27.83 -0.35
CA CYS C 183 22.63 -27.29 -1.58
CA CYS C 183 22.69 -27.46 -1.64
C CYS C 183 24.14 -27.17 -1.46
C CYS C 183 24.15 -27.05 -1.52
N PHE C 184 24.62 -26.67 -0.33
CA PHE C 184 26.03 -26.39 -0.13
C PHE C 184 26.80 -27.65 0.25
N ALA C 185 26.19 -28.50 1.05
CA ALA C 185 26.90 -29.61 1.68
C ALA C 185 27.02 -30.85 0.81
N ALA C 186 26.14 -31.04 -0.17
CA ALA C 186 26.04 -32.32 -0.87
C ALA C 186 27.36 -32.71 -1.53
N LEU C 187 27.95 -31.78 -2.29
CA LEU C 187 29.19 -32.10 -2.99
C LEU C 187 30.36 -32.37 -2.05
N PRO C 188 30.71 -31.51 -1.09
CA PRO C 188 31.84 -31.87 -0.21
C PRO C 188 31.62 -33.17 0.52
N ILE C 189 30.39 -33.50 0.91
CA ILE C 189 30.16 -34.78 1.58
C ILE C 189 30.48 -35.95 0.68
N MET C 190 30.07 -35.91 -0.59
CA MET C 190 30.35 -37.03 -1.47
C MET C 190 31.83 -37.12 -1.82
N GLN C 191 32.58 -36.05 -1.61
CA GLN C 191 34.04 -36.06 -1.74
C GLN C 191 34.77 -36.42 -0.45
N GLY C 192 34.05 -36.83 0.59
CA GLY C 192 34.68 -37.34 1.79
C GLY C 192 34.82 -36.37 2.94
N PHE C 193 34.36 -35.13 2.80
CA PHE C 193 34.44 -34.19 3.91
C PHE C 193 33.32 -34.47 4.90
N ASP C 194 33.54 -34.06 6.14
CA ASP C 194 32.68 -34.50 7.25
C ASP C 194 31.26 -33.95 7.10
N GLU C 195 30.27 -34.83 7.31
CA GLU C 195 28.88 -34.46 7.12
C GLU C 195 28.43 -33.38 8.11
N GLY C 196 28.77 -33.52 9.39
CA GLY C 196 28.40 -32.50 10.36
C GLY C 196 29.00 -31.15 10.05
N LEU C 197 30.30 -31.11 9.75
CA LEU C 197 30.94 -29.85 9.42
C LEU C 197 30.37 -29.27 8.13
N ALA C 198 30.14 -30.11 7.11
CA ALA C 198 29.63 -29.60 5.85
C ALA C 198 28.23 -29.02 6.00
N LEU C 199 27.36 -29.71 6.76
CA LEU C 199 26.01 -29.21 6.92
C LEU C 199 25.99 -27.94 7.76
N HIS C 200 26.82 -27.88 8.80
CA HIS C 200 26.89 -26.65 9.59
C HIS C 200 27.42 -25.50 8.74
N CYS C 201 28.45 -25.76 7.94
CA CYS C 201 28.94 -24.73 7.03
C CYS C 201 27.84 -24.30 6.06
N GLY C 202 27.07 -25.25 5.53
CA GLY C 202 25.94 -24.89 4.67
C GLY C 202 24.94 -24.01 5.40
N LYS C 203 24.68 -24.31 6.67
CA LYS C 203 23.75 -23.49 7.45
C LYS C 203 24.26 -22.06 7.57
N ILE C 204 25.54 -21.89 7.83
CA ILE C 204 26.04 -20.54 8.03
C ILE C 204 26.13 -19.79 6.71
N LEU C 205 26.33 -20.51 5.60
CA LEU C 205 26.40 -19.91 4.28
C LEU C 205 25.02 -19.72 3.63
N GLU C 206 23.95 -20.19 4.26
CA GLU C 206 22.67 -20.28 3.54
C GLU C 206 22.21 -18.91 3.07
N CYS C 207 22.60 -17.82 3.75
CA CYS C 207 22.24 -16.46 3.35
C CYS C 207 23.46 -15.63 2.97
N ALA C 208 24.52 -16.28 2.52
CA ALA C 208 25.75 -15.59 2.19
C ALA C 208 26.12 -14.58 3.27
N ALA C 209 26.22 -13.30 2.90
CA ALA C 209 26.80 -12.31 3.80
C ALA C 209 25.84 -11.81 4.88
N ILE C 210 24.64 -12.37 5.01
CA ILE C 210 23.90 -12.09 6.23
C ILE C 210 24.67 -12.63 7.44
N ALA C 211 25.55 -13.61 7.21
CA ALA C 211 26.36 -14.19 8.28
C ALA C 211 27.62 -13.39 8.57
N ALA C 212 27.88 -12.31 7.81
CA ALA C 212 28.98 -11.40 8.07
C ALA C 212 28.44 -10.14 8.75
N THR C 213 29.35 -9.25 9.13
CA THR C 213 28.94 -8.01 9.78
C THR C 213 29.80 -6.85 9.29
N PRO C 214 29.18 -5.70 8.97
CA PRO C 214 27.73 -5.47 8.88
C PRO C 214 27.15 -6.40 7.81
N GLY C 215 25.94 -6.90 8.01
CA GLY C 215 25.39 -7.89 7.10
C GLY C 215 24.94 -7.31 5.79
N SER C 216 24.77 -8.20 4.81
CA SER C 216 24.12 -7.83 3.56
C SER C 216 23.42 -9.06 3.00
N GLY C 217 22.17 -8.89 2.58
CA GLY C 217 21.53 -9.95 1.83
C GLY C 217 21.99 -10.06 0.39
N SER C 218 22.91 -9.19 -0.02
N SER C 218 22.94 -9.11 0.03
CA SER C 218 23.38 -9.09 -1.38
CA SER C 218 23.42 -9.01 -1.33
C SER C 218 24.91 -8.98 -1.43
C SER C 218 24.95 -8.90 -1.38
N ASP C 219 25.62 -9.93 -0.82
CA ASP C 219 27.08 -9.97 -0.90
C ASP C 219 27.55 -11.40 -0.64
N CYS C 220 28.76 -11.70 -1.11
CA CYS C 220 29.29 -13.05 -1.22
C CYS C 220 29.94 -13.50 0.07
N ALA C 221 29.92 -14.81 0.29
CA ALA C 221 30.66 -15.42 1.38
C ALA C 221 31.20 -16.75 0.91
N MET C 222 32.27 -17.19 1.57
CA MET C 222 32.87 -18.48 1.30
C MET C 222 33.12 -19.23 2.60
N GLY C 223 32.85 -20.53 2.56
CA GLY C 223 33.30 -21.46 3.59
C GLY C 223 34.32 -22.43 3.00
N ILE C 224 35.43 -22.61 3.73
CA ILE C 224 36.50 -23.53 3.36
C ILE C 224 36.51 -24.66 4.38
N ILE C 225 36.04 -25.83 3.97
CA ILE C 225 35.96 -26.99 4.86
C ILE C 225 37.30 -27.72 4.80
N ASP C 226 37.87 -28.03 5.97
CA ASP C 226 39.02 -28.91 6.09
C ASP C 226 38.62 -30.08 6.99
N ASP C 227 39.59 -30.93 7.34
CA ASP C 227 39.17 -32.13 8.03
C ASP C 227 38.87 -31.92 9.51
N SER C 228 39.19 -30.75 10.06
CA SER C 228 38.93 -30.45 11.47
C SER C 228 37.94 -29.31 11.70
N GLY C 229 37.43 -28.66 10.66
CA GLY C 229 36.55 -27.53 10.85
C GLY C 229 36.36 -26.80 9.54
N PHE C 230 35.80 -25.58 9.62
CA PHE C 230 35.65 -24.78 8.42
C PHE C 230 35.91 -23.30 8.71
N THR C 231 36.48 -22.61 7.73
CA THR C 231 36.83 -21.20 7.82
C THR C 231 35.83 -20.39 6.99
N LEU C 232 35.41 -19.26 7.53
CA LEU C 232 34.43 -18.40 6.88
C LEU C 232 35.05 -17.05 6.57
N LYS C 233 34.77 -16.54 5.37
CA LYS C 233 35.31 -15.24 4.97
C LYS C 233 34.35 -14.58 4.00
N ALA C 234 34.44 -13.25 3.94
CA ALA C 234 33.75 -12.46 2.93
C ALA C 234 34.77 -11.93 1.93
N PHE C 235 34.27 -11.17 0.93
CA PHE C 235 35.12 -10.63 -0.11
C PHE C 235 34.87 -9.15 -0.33
N ASN C 236 34.62 -8.43 0.75
CA ASN C 236 34.32 -7.00 0.71
C ASN C 236 35.01 -6.41 1.93
N PRO C 237 35.93 -5.44 1.74
CA PRO C 237 36.64 -4.88 2.89
C PRO C 237 35.71 -4.26 3.92
N LYS C 238 34.48 -3.96 3.57
CA LYS C 238 33.53 -3.35 4.53
C LYS C 238 32.93 -4.42 5.46
N ARG C 239 33.12 -5.69 5.15
CA ARG C 239 32.46 -6.75 5.89
C ARG C 239 33.48 -7.74 6.44
N LYS C 240 33.16 -8.30 7.60
CA LYS C 240 34.00 -9.29 8.26
C LYS C 240 33.12 -10.39 8.83
N PHE C 241 33.69 -11.58 8.94
CA PHE C 241 33.09 -12.63 9.75
C PHE C 241 33.63 -12.50 11.17
N THR C 242 32.74 -12.49 12.14
CA THR C 242 33.11 -12.52 13.55
C THR C 242 32.48 -13.72 14.25
N GLU C 243 32.99 -14.03 15.44
CA GLU C 243 32.37 -15.09 16.24
C GLU C 243 30.89 -14.83 16.45
N THR C 244 30.50 -13.57 16.67
CA THR C 244 29.09 -13.26 16.86
C THR C 244 28.29 -13.38 15.56
N SER C 245 28.84 -12.87 14.46
CA SER C 245 28.09 -12.92 13.20
C SER C 245 27.90 -14.36 12.72
N ALA C 246 28.94 -15.19 12.88
CA ALA C 246 28.84 -16.59 12.45
C ALA C 246 27.93 -17.39 13.37
N ALA C 247 28.03 -17.18 14.68
CA ALA C 247 27.13 -17.87 15.60
C ALA C 247 25.69 -17.36 15.44
N ALA C 248 25.51 -16.06 15.23
CA ALA C 248 24.18 -15.54 14.93
C ALA C 248 23.53 -16.31 13.80
N HIS C 249 24.29 -16.60 12.74
CA HIS C 249 23.66 -17.30 11.63
C HIS C 249 23.47 -18.78 11.88
N THR C 250 24.15 -19.36 12.86
CA THR C 250 23.76 -20.68 13.30
C THR C 250 22.38 -20.65 13.95
N LEU C 251 22.09 -19.58 14.69
CA LEU C 251 20.79 -19.44 15.35
C LEU C 251 19.69 -19.01 14.39
N TYR C 252 20.05 -18.45 13.25
CA TYR C 252 19.10 -17.76 12.37
C TYR C 252 17.96 -18.67 11.96
N GLU C 253 16.74 -18.24 12.27
CA GLU C 253 15.48 -18.88 11.84
C GLU C 253 15.31 -20.29 12.38
N LYS C 254 15.96 -20.64 13.49
CA LYS C 254 15.83 -21.97 14.05
C LYS C 254 15.25 -21.90 15.46
N SER C 255 14.55 -22.96 15.85
N SER C 255 14.55 -22.95 15.86
CA SER C 255 13.89 -23.05 17.15
CA SER C 255 13.90 -22.97 17.17
C SER C 255 14.82 -23.48 18.27
C SER C 255 14.78 -23.54 18.29
N ASP C 256 15.91 -24.16 17.95
CA ASP C 256 16.83 -24.66 18.98
C ASP C 256 18.24 -24.68 18.40
N PRO C 257 19.11 -23.76 18.81
CA PRO C 257 20.45 -23.71 18.19
C PRO C 257 21.32 -24.91 18.52
N TYR C 258 20.96 -25.71 19.52
CA TYR C 258 21.74 -26.91 19.82
C TYR C 258 21.46 -28.05 18.88
N PHE C 259 20.27 -28.10 18.27
CA PHE C 259 19.83 -29.25 17.50
C PHE C 259 19.10 -28.75 16.27
N LEU C 260 19.74 -28.88 15.10
CA LEU C 260 19.13 -28.39 13.86
C LEU C 260 18.67 -29.58 13.03
N PRO C 261 17.37 -29.84 12.95
CA PRO C 261 16.90 -31.01 12.22
C PRO C 261 16.74 -30.74 10.73
N GLY C 262 16.92 -31.82 9.97
CA GLY C 262 16.70 -31.80 8.55
C GLY C 262 16.51 -33.20 8.04
N PRO C 263 16.33 -33.35 6.73
CA PRO C 263 16.08 -34.68 6.14
C PRO C 263 17.27 -35.59 6.38
N GLY C 264 17.05 -36.67 7.12
CA GLY C 264 18.08 -37.65 7.37
C GLY C 264 18.86 -37.49 8.65
N GLY C 265 18.66 -36.42 9.41
CA GLY C 265 19.40 -36.31 10.66
C GLY C 265 19.26 -34.96 11.32
N VAL C 266 20.05 -34.79 12.38
CA VAL C 266 20.04 -33.58 13.18
C VAL C 266 21.49 -33.17 13.45
N LEU C 267 21.78 -31.89 13.27
CA LEU C 267 23.06 -31.32 13.66
C LEU C 267 23.05 -31.07 15.17
N ASN C 268 24.04 -31.62 15.86
CA ASN C 268 24.19 -31.45 17.29
C ASN C 268 25.36 -30.49 17.50
N LEU C 269 25.07 -29.29 18.00
CA LEU C 269 26.07 -28.24 18.12
C LEU C 269 26.54 -28.01 19.55
N LYS C 270 26.27 -28.96 20.46
CA LYS C 270 26.70 -28.83 21.84
C LYS C 270 28.21 -28.67 21.96
N GLY C 271 28.98 -29.25 21.04
CA GLY C 271 30.43 -29.25 21.16
C GLY C 271 31.13 -28.27 20.24
N CYS C 272 30.41 -27.28 19.75
N CYS C 272 30.42 -27.33 19.64
CA CYS C 272 30.95 -26.34 18.78
CA CYS C 272 31.02 -26.46 18.65
C CYS C 272 31.81 -25.28 19.43
C CYS C 272 31.67 -25.23 19.29
N THR C 273 32.73 -24.74 18.64
CA THR C 273 33.47 -23.54 19.01
C THR C 273 33.50 -22.63 17.79
N PHE C 274 33.38 -21.32 18.03
CA PHE C 274 33.59 -20.29 17.00
C PHE C 274 34.82 -19.49 17.41
N LYS C 275 35.81 -19.39 16.53
CA LYS C 275 37.09 -18.75 16.89
C LYS C 275 37.53 -17.78 15.79
N ALA C 276 37.70 -16.51 16.09
CA ALA C 276 38.24 -15.56 15.13
C ALA C 276 39.63 -15.97 14.66
N VAL C 277 39.88 -15.87 13.36
CA VAL C 277 41.15 -16.25 12.77
C VAL C 277 41.51 -15.31 11.64
N ASN C 278 42.80 -15.26 11.31
CA ASN C 278 43.28 -14.41 10.23
C ASN C 278 42.78 -12.99 10.47
N GLU C 279 42.38 -12.28 9.43
CA GLU C 279 41.78 -10.96 9.60
C GLU C 279 40.37 -11.02 9.03
N GLY C 280 39.38 -10.83 9.89
CA GLY C 280 37.99 -10.82 9.45
C GLY C 280 37.44 -12.17 9.08
N GLU C 281 37.99 -13.26 9.62
CA GLU C 281 37.51 -14.60 9.33
C GLU C 281 37.25 -15.36 10.61
N VAL C 282 36.54 -16.47 10.49
CA VAL C 282 36.14 -17.28 11.63
C VAL C 282 36.30 -18.75 11.31
N TYR C 283 36.85 -19.49 12.27
CA TYR C 283 36.97 -20.93 12.16
C TYR C 283 35.95 -21.59 13.08
N VAL C 284 35.16 -22.50 12.53
CA VAL C 284 34.14 -23.21 13.29
C VAL C 284 34.53 -24.68 13.36
N SER C 285 34.43 -25.27 14.55
CA SER C 285 34.81 -26.66 14.75
C SER C 285 33.87 -27.30 15.75
N GLY C 286 33.85 -28.63 15.76
CA GLY C 286 33.15 -29.40 16.78
C GLY C 286 31.74 -29.79 16.44
N SER C 287 31.23 -29.37 15.28
CA SER C 287 29.89 -29.73 14.84
C SER C 287 29.81 -31.24 14.62
N ARG C 288 28.66 -31.83 14.94
CA ARG C 288 28.46 -33.23 14.61
C ARG C 288 27.03 -33.48 14.17
N HIS C 289 26.82 -34.65 13.56
CA HIS C 289 25.56 -34.97 12.91
C HIS C 289 25.09 -36.32 13.45
N GLU C 290 23.79 -36.44 13.69
CA GLU C 290 23.16 -37.66 14.18
C GLU C 290 22.12 -38.10 13.17
N ALA C 291 22.28 -39.27 12.60
CA ALA C 291 21.30 -39.74 11.62
C ALA C 291 19.98 -40.04 12.31
N THR C 292 18.89 -39.77 11.62
CA THR C 292 17.56 -40.10 12.11
C THR C 292 16.79 -40.84 11.03
N PRO C 293 15.69 -41.49 11.38
CA PRO C 293 14.83 -42.08 10.33
C PRO C 293 14.43 -41.01 9.33
N TYR C 294 14.56 -41.36 8.06
CA TYR C 294 14.45 -40.35 7.00
C TYR C 294 13.01 -39.88 6.82
N ALA C 295 12.80 -38.58 6.94
CA ALA C 295 11.51 -37.96 6.75
C ALA C 295 11.70 -36.63 6.02
N LEU C 296 10.64 -36.19 5.36
CA LEU C 296 10.68 -34.97 4.57
C LEU C 296 9.63 -34.00 5.05
N LYS C 297 9.95 -32.70 5.01
CA LYS C 297 8.96 -31.67 5.33
C LYS C 297 8.19 -31.26 4.08
N LEU C 298 6.86 -31.29 4.19
CA LEU C 298 5.96 -30.82 3.15
C LEU C 298 5.49 -29.41 3.43
N GLU C 299 5.31 -28.64 2.35
CA GLU C 299 4.75 -27.30 2.37
C GLU C 299 3.60 -27.24 1.39
N GLY C 300 2.56 -26.51 1.76
CA GLY C 300 1.40 -26.30 0.90
C GLY C 300 0.63 -25.11 1.39
N ALA C 301 -0.17 -24.53 0.49
CA ALA C 301 -0.99 -23.37 0.78
C ALA C 301 -2.33 -23.50 0.05
N ARG C 302 -3.32 -22.76 0.53
CA ARG C 302 -4.66 -22.80 -0.04
C ARG C 302 -5.16 -21.38 -0.19
N ARG C 303 -6.05 -21.18 -1.16
CA ARG C 303 -6.64 -19.87 -1.39
C ARG C 303 -7.74 -19.62 -0.39
N VAL C 304 -7.79 -18.40 0.15
CA VAL C 304 -8.79 -18.05 1.17
C VAL C 304 -9.67 -16.87 0.77
N GLY C 305 -9.42 -16.22 -0.34
CA GLY C 305 -10.26 -15.12 -0.78
C GLY C 305 -9.48 -14.18 -1.68
N PHE C 306 -9.97 -12.94 -1.75
CA PHE C 306 -9.40 -11.91 -2.62
C PHE C 306 -9.30 -10.62 -1.84
N ARG C 307 -8.25 -9.83 -2.12
CA ARG C 307 -7.95 -8.63 -1.35
C ARG C 307 -8.04 -7.37 -2.19
N CYS C 308 -8.58 -6.32 -1.57
CA CYS C 308 -8.52 -4.96 -2.06
C CYS C 308 -8.05 -4.08 -0.91
N LEU C 309 -7.17 -3.13 -1.19
CA LEU C 309 -6.57 -2.34 -0.13
C LEU C 309 -6.46 -0.88 -0.54
N THR C 310 -6.33 -0.03 0.46
CA THR C 310 -5.97 1.36 0.24
C THR C 310 -5.05 1.83 1.35
N ILE C 311 -4.29 2.87 1.05
CA ILE C 311 -3.36 3.46 2.01
C ILE C 311 -3.52 4.97 1.95
N ALA C 312 -3.49 5.62 3.12
CA ALA C 312 -3.63 7.07 3.20
C ALA C 312 -3.17 7.54 4.56
N GLY C 313 -2.58 8.73 4.62
CA GLY C 313 -2.12 9.31 5.85
C GLY C 313 -3.18 10.20 6.48
N THR C 314 -3.05 10.40 7.79
CA THR C 314 -3.74 11.48 8.48
C THR C 314 -2.72 12.25 9.30
N ARG C 315 -2.92 13.55 9.37
CA ARG C 315 -2.01 14.44 10.07
C ARG C 315 -2.74 15.22 11.16
N ASP C 316 -4.04 14.92 11.39
CA ASP C 316 -4.82 15.72 12.32
C ASP C 316 -4.79 15.10 13.71
N PRO C 317 -4.41 15.86 14.73
CA PRO C 317 -4.29 15.26 16.07
C PRO C 317 -5.61 14.80 16.66
N ILE C 318 -6.73 15.45 16.33
CA ILE C 318 -8.02 15.01 16.86
C ILE C 318 -8.41 13.68 16.23
N MET C 319 -8.24 13.57 14.93
CA MET C 319 -8.53 12.30 14.25
C MET C 319 -7.64 11.19 14.76
N ILE C 320 -6.35 11.48 14.91
CA ILE C 320 -5.42 10.46 15.37
C ILE C 320 -5.79 9.99 16.76
N ALA C 321 -6.05 10.91 17.68
CA ALA C 321 -6.42 10.50 19.04
C ALA C 321 -7.68 9.65 19.06
N GLY C 322 -8.65 9.97 18.21
CA GLY C 322 -9.88 9.21 18.20
C GLY C 322 -9.96 8.09 17.18
N ILE C 323 -8.83 7.67 16.63
CA ILE C 323 -8.86 6.86 15.40
C ILE C 323 -9.51 5.51 15.63
N ASP C 324 -9.24 4.87 16.77
CA ASP C 324 -9.77 3.51 16.99
C ASP C 324 -11.30 3.51 16.90
N ASN C 325 -11.94 4.46 17.58
CA ASN C 325 -13.41 4.55 17.54
C ASN C 325 -13.92 4.99 16.17
N ILE C 326 -13.20 5.91 15.51
CA ILE C 326 -13.60 6.33 14.17
C ILE C 326 -13.70 5.13 13.23
N LEU C 327 -12.68 4.28 13.25
CA LEU C 327 -12.69 3.11 12.36
C LEU C 327 -13.85 2.18 12.68
N GLU C 328 -14.19 2.04 13.95
CA GLU C 328 -15.34 1.19 14.35
C GLU C 328 -16.62 1.81 13.77
N GLU C 329 -16.79 3.12 13.87
N GLU C 329 -16.77 3.12 13.88
CA GLU C 329 -18.00 3.79 13.40
CA GLU C 329 -18.03 3.76 13.40
C GLU C 329 -18.09 3.72 11.88
C GLU C 329 -18.08 3.70 11.88
N VAL C 330 -16.96 3.87 11.19
CA VAL C 330 -16.93 3.74 9.73
C VAL C 330 -17.36 2.34 9.31
N GLN C 331 -16.86 1.31 9.98
CA GLN C 331 -17.24 -0.04 9.61
C GLN C 331 -18.73 -0.28 9.83
N THR C 332 -19.26 0.22 10.94
CA THR C 332 -20.69 0.07 11.19
C THR C 332 -21.48 0.75 10.09
N SER C 333 -21.05 1.95 9.70
CA SER C 333 -21.75 2.71 8.67
C SER C 333 -21.78 1.96 7.36
N VAL C 334 -20.64 1.35 6.99
CA VAL C 334 -20.55 0.66 5.71
C VAL C 334 -21.39 -0.61 5.72
N ALA C 335 -21.31 -1.38 6.81
CA ALA C 335 -22.14 -2.56 6.92
C ALA C 335 -23.62 -2.22 6.72
N ARG C 336 -24.08 -1.12 7.32
CA ARG C 336 -25.48 -0.74 7.14
C ARG C 336 -25.76 -0.31 5.71
N ASN C 337 -24.85 0.44 5.09
CA ASN C 337 -25.11 0.98 3.76
C ASN C 337 -25.15 -0.11 2.70
N LEU C 338 -24.21 -1.05 2.75
CA LEU C 338 -24.17 -2.14 1.79
C LEU C 338 -24.96 -3.37 2.26
N SER C 339 -25.63 -3.29 3.40
CA SER C 339 -26.36 -4.43 3.96
C SER C 339 -25.47 -5.67 4.05
N LEU C 340 -24.23 -5.47 4.52
CA LEU C 340 -23.24 -6.58 4.65
C LEU C 340 -23.69 -7.52 5.76
N ASN C 341 -23.97 -8.78 5.47
CA ASN C 341 -24.34 -9.77 6.53
C ASN C 341 -23.45 -10.99 6.31
N ASP C 342 -22.22 -10.78 5.87
CA ASP C 342 -21.31 -11.89 5.58
C ASP C 342 -20.27 -11.91 6.70
N ASP C 343 -20.11 -13.06 7.37
CA ASP C 343 -19.05 -13.18 8.40
C ASP C 343 -17.71 -13.48 7.69
N SER C 344 -17.74 -13.78 6.38
CA SER C 344 -16.54 -14.10 5.62
C SER C 344 -15.90 -12.87 4.97
N ILE C 345 -16.34 -11.67 5.31
CA ILE C 345 -15.64 -10.46 4.93
C ILE C 345 -14.77 -10.04 6.10
N ARG C 346 -13.48 -9.82 5.84
CA ARG C 346 -12.52 -9.48 6.90
C ARG C 346 -11.87 -8.12 6.58
N MET C 347 -12.05 -7.13 7.44
N MET C 347 -12.12 -7.14 7.44
CA MET C 347 -11.44 -5.82 7.28
CA MET C 347 -11.50 -5.82 7.26
C MET C 347 -10.33 -5.69 8.29
C MET C 347 -10.34 -5.71 8.26
N THR C 348 -9.15 -5.31 7.82
CA THR C 348 -7.96 -5.23 8.65
C THR C 348 -7.35 -3.85 8.49
N PHE C 349 -7.03 -3.21 9.61
CA PHE C 349 -6.40 -1.89 9.58
C PHE C 349 -5.01 -2.02 10.19
N HIS C 350 -4.03 -1.37 9.57
CA HIS C 350 -2.71 -1.20 10.15
C HIS C 350 -2.49 0.30 10.33
N LEU C 351 -2.23 0.70 11.57
CA LEU C 351 -2.07 2.12 11.90
C LEU C 351 -0.57 2.35 12.09
N TYR C 352 0.12 2.62 10.98
CA TYR C 352 1.56 2.84 11.04
C TYR C 352 1.87 4.16 11.71
N GLY C 353 2.75 4.09 12.71
CA GLY C 353 3.02 5.20 13.61
C GLY C 353 2.48 4.96 15.00
N LYS C 354 1.67 3.93 15.19
CA LYS C 354 1.11 3.57 16.50
C LYS C 354 1.29 2.06 16.77
N ASN C 355 0.68 1.18 16.02
CA ASN C 355 0.82 -0.24 16.32
C ASN C 355 0.74 -1.10 15.06
N GLY C 356 1.23 -0.58 13.93
CA GLY C 356 1.12 -1.32 12.69
C GLY C 356 1.99 -2.56 12.62
N VAL C 357 3.12 -2.54 13.31
CA VAL C 357 4.09 -3.64 13.27
C VAL C 357 3.78 -4.73 14.28
N MET C 358 3.43 -4.37 15.52
CA MET C 358 3.27 -5.35 16.59
C MET C 358 1.84 -5.62 16.99
N GLY C 359 0.88 -4.82 16.51
CA GLY C 359 -0.50 -5.05 16.90
C GLY C 359 -0.70 -4.98 18.40
N ASN C 360 -1.40 -5.98 18.95
CA ASN C 360 -1.74 -6.00 20.38
C ASN C 360 -0.51 -6.12 21.25
N HIS C 361 0.65 -6.46 20.69
CA HIS C 361 1.87 -6.61 21.45
C HIS C 361 2.73 -5.35 21.46
N GLU C 362 2.26 -4.28 20.84
CA GLU C 362 3.00 -3.02 20.82
C GLU C 362 3.02 -2.42 22.22
N PRO C 363 4.18 -2.13 22.80
CA PRO C 363 4.18 -1.56 24.15
C PRO C 363 3.79 -0.09 24.20
N MET C 364 3.99 0.67 23.13
CA MET C 364 3.66 2.08 23.11
C MET C 364 2.19 2.23 22.75
N LYS C 365 1.38 2.87 23.58
CA LYS C 365 -0.08 2.91 23.40
C LYS C 365 -0.53 4.23 22.78
N THR C 366 0.38 5.15 22.50
CA THR C 366 0.04 6.48 21.95
C THR C 366 0.75 6.70 20.62
N ALA C 367 0.06 7.20 19.59
CA ALA C 367 0.62 7.55 18.28
C ALA C 367 1.35 8.87 18.40
N GLY C 368 2.17 9.31 17.41
CA GLY C 368 2.80 10.61 17.32
C GLY C 368 1.96 11.56 16.48
N HIS C 369 2.60 12.34 15.64
CA HIS C 369 1.91 13.39 14.90
C HIS C 369 1.26 12.89 13.61
N GLU C 370 1.56 11.68 13.17
CA GLU C 370 1.05 11.21 11.89
C GLU C 370 0.82 9.72 11.93
N LEU C 371 -0.22 9.27 11.23
CA LEU C 371 -0.48 7.86 11.02
C LEU C 371 -0.57 7.56 9.53
N GLY C 372 -0.02 6.43 9.11
CA GLY C 372 -0.34 5.85 7.82
C GLY C 372 -1.39 4.78 8.03
N ILE C 373 -2.57 5.01 7.45
CA ILE C 373 -3.71 4.11 7.60
C ILE C 373 -3.74 3.19 6.39
N LEU C 374 -3.39 1.92 6.61
CA LEU C 374 -3.50 0.89 5.59
C LEU C 374 -4.74 0.06 5.90
N LEU C 375 -5.65 -0.02 4.94
CA LEU C 375 -6.86 -0.83 5.05
C LEU C 375 -6.79 -1.93 4.00
N ASP C 376 -7.10 -3.14 4.41
CA ASP C 376 -7.31 -4.21 3.45
C ASP C 376 -8.56 -4.99 3.79
N VAL C 377 -9.32 -5.34 2.75
CA VAL C 377 -10.49 -6.18 2.87
C VAL C 377 -10.21 -7.48 2.12
N VAL C 378 -10.46 -8.60 2.77
CA VAL C 378 -10.40 -9.90 2.13
C VAL C 378 -11.82 -10.46 2.12
N ALA C 379 -12.29 -10.85 0.95
CA ALA C 379 -13.65 -11.36 0.86
C ALA C 379 -13.70 -12.52 -0.13
N PRO C 380 -14.84 -13.21 -0.25
CA PRO C 380 -14.87 -14.41 -1.10
C PRO C 380 -14.72 -14.13 -2.58
N THR C 381 -15.02 -12.92 -3.03
CA THR C 381 -14.78 -12.53 -4.41
C THR C 381 -14.07 -11.19 -4.45
N GLN C 382 -13.37 -10.94 -5.56
CA GLN C 382 -12.70 -9.66 -5.72
C GLN C 382 -13.71 -8.52 -5.75
N ASP C 383 -14.89 -8.76 -6.35
CA ASP C 383 -15.89 -7.69 -6.43
C ASP C 383 -16.35 -7.24 -5.04
N ILE C 384 -16.58 -8.20 -4.14
CA ILE C 384 -17.01 -7.85 -2.80
C ILE C 384 -15.90 -7.11 -2.05
N ALA C 385 -14.66 -7.62 -2.15
CA ALA C 385 -13.54 -6.92 -1.53
C ALA C 385 -13.41 -5.49 -2.05
N ASN C 386 -13.59 -5.30 -3.35
CA ASN C 386 -13.52 -3.96 -3.93
C ASN C 386 -14.61 -3.06 -3.37
N SER C 387 -15.84 -3.57 -3.26
N SER C 387 -15.83 -3.57 -3.32
CA SER C 387 -16.96 -2.70 -2.85
CA SER C 387 -17.00 -2.78 -2.88
C SER C 387 -16.79 -2.26 -1.41
C SER C 387 -16.86 -2.31 -1.43
N VAL C 388 -16.44 -3.20 -0.53
CA VAL C 388 -16.27 -2.87 0.88
C VAL C 388 -15.10 -1.90 1.05
N CYS C 389 -13.97 -2.19 0.38
CA CYS C 389 -12.83 -1.29 0.49
C CYS C 389 -13.18 0.10 -0.01
N SER C 390 -13.87 0.20 -1.15
CA SER C 390 -14.25 1.51 -1.69
C SER C 390 -15.13 2.29 -0.72
N LEU C 391 -16.14 1.62 -0.15
CA LEU C 391 -17.05 2.31 0.77
C LEU C 391 -16.37 2.68 2.09
N VAL C 392 -15.48 1.81 2.61
CA VAL C 392 -14.72 2.22 3.78
C VAL C 392 -13.88 3.45 3.48
N ARG C 393 -13.20 3.44 2.33
CA ARG C 393 -12.36 4.56 1.92
C ARG C 393 -13.16 5.86 1.86
N SER C 394 -14.29 5.86 1.13
CA SER C 394 -15.01 7.13 0.97
C SER C 394 -15.71 7.53 2.26
N THR C 395 -16.13 6.57 3.06
CA THR C 395 -16.78 6.88 4.34
C THR C 395 -15.78 7.45 5.33
N LEU C 396 -14.60 6.83 5.43
CA LEU C 396 -13.56 7.37 6.30
C LEU C 396 -13.11 8.75 5.83
N LEU C 397 -13.03 8.95 4.53
CA LEU C 397 -12.57 10.22 3.97
C LEU C 397 -13.39 11.39 4.49
N HIS C 398 -14.70 11.21 4.64
CA HIS C 398 -15.57 12.32 4.98
C HIS C 398 -16.29 12.12 6.31
N TYR C 399 -15.80 11.22 7.14
CA TYR C 399 -16.45 10.94 8.41
C TYR C 399 -16.34 12.12 9.35
N GLY C 400 -17.49 12.53 9.90
CA GLY C 400 -17.52 13.68 10.79
C GLY C 400 -17.26 13.29 12.23
N TYR C 401 -16.00 13.05 12.57
CA TYR C 401 -15.65 12.64 13.92
C TYR C 401 -15.83 13.78 14.90
N GLU C 402 -15.92 13.43 16.18
CA GLU C 402 -16.21 14.43 17.19
C GLU C 402 -15.10 15.46 17.28
N ASN C 403 -15.50 16.73 17.35
CA ASN C 403 -14.59 17.86 17.48
C ASN C 403 -13.76 18.13 16.22
N ARG C 404 -14.10 17.54 15.08
CA ARG C 404 -13.35 17.77 13.86
C ARG C 404 -13.35 19.25 13.49
N ILE C 405 -12.15 19.77 13.19
CA ILE C 405 -12.03 21.09 12.58
C ILE C 405 -11.55 21.05 11.13
N ALA C 406 -10.94 19.97 10.67
CA ALA C 406 -10.46 19.83 9.29
C ALA C 406 -11.56 19.12 8.51
N THR C 407 -12.54 19.90 8.07
CA THR C 407 -13.84 19.36 7.69
C THR C 407 -13.99 19.07 6.19
N ALA C 408 -12.95 19.27 5.37
CA ALA C 408 -13.06 19.03 3.93
C ALA C 408 -12.63 17.65 3.51
N GLY C 409 -12.12 16.84 4.43
CA GLY C 409 -11.59 15.53 4.10
C GLY C 409 -10.60 15.09 5.15
N ASN C 410 -10.51 13.78 5.36
CA ASN C 410 -9.77 13.22 6.49
C ASN C 410 -8.49 12.46 6.10
N LEU C 411 -8.19 12.33 4.81
CA LEU C 411 -7.19 11.36 4.35
C LEU C 411 -6.31 11.93 3.25
N ALA C 412 -5.00 11.63 3.32
CA ALA C 412 -4.02 11.99 2.30
C ALA C 412 -3.64 10.72 1.53
N PHE C 413 -4.20 10.56 0.35
CA PHE C 413 -3.87 9.39 -0.47
C PHE C 413 -2.62 9.69 -1.29
N PRO C 414 -1.64 8.80 -1.33
CA PRO C 414 -0.50 9.02 -2.23
C PRO C 414 -0.78 8.72 -3.68
N PHE C 415 -1.80 7.92 -4.01
CA PHE C 415 -1.96 7.43 -5.38
C PHE C 415 -3.33 7.74 -5.94
N SER C 416 -3.36 7.84 -7.26
CA SER C 416 -4.58 7.78 -8.06
C SER C 416 -4.36 6.56 -8.94
N PRO C 417 -5.19 5.49 -8.83
CA PRO C 417 -6.38 5.38 -7.99
C PRO C 417 -6.00 5.12 -6.55
N SER C 418 -6.91 5.41 -5.61
CA SER C 418 -6.63 5.20 -4.20
C SER C 418 -6.69 3.74 -3.81
N ASP C 419 -7.54 2.94 -4.47
CA ASP C 419 -7.73 1.54 -4.13
C ASP C 419 -6.90 0.65 -5.04
N ILE C 420 -6.34 -0.41 -4.45
CA ILE C 420 -5.45 -1.33 -5.16
C ILE C 420 -6.01 -2.74 -5.02
N GLN C 421 -6.35 -3.36 -6.15
CA GLN C 421 -6.85 -4.74 -6.16
C GLN C 421 -5.64 -5.65 -6.20
N SER C 422 -5.33 -6.28 -5.06
CA SER C 422 -4.14 -7.14 -4.97
C SER C 422 -4.42 -8.60 -5.29
N GLY C 423 -5.68 -9.01 -5.42
CA GLY C 423 -6.01 -10.31 -5.96
C GLY C 423 -6.08 -11.43 -4.92
N PRO C 424 -5.78 -12.65 -5.36
CA PRO C 424 -5.97 -13.83 -4.50
C PRO C 424 -5.09 -13.80 -3.27
N VAL C 425 -5.64 -14.30 -2.16
CA VAL C 425 -4.93 -14.40 -0.89
C VAL C 425 -4.84 -15.88 -0.54
N TYR C 426 -3.66 -16.31 -0.12
CA TYR C 426 -3.38 -17.68 0.28
C TYR C 426 -2.99 -17.73 1.75
N GLU C 427 -3.18 -18.89 2.37
CA GLU C 427 -2.67 -19.18 3.71
C GLU C 427 -2.03 -20.56 3.72
N PHE C 428 -1.02 -20.71 4.56
CA PHE C 428 -0.38 -22.02 4.68
C PHE C 428 -1.40 -23.06 5.08
N SER C 429 -1.30 -24.24 4.46
CA SER C 429 -2.16 -25.38 4.76
C SER C 429 -1.42 -26.65 5.08
N ILE C 430 -0.18 -26.80 4.65
CA ILE C 430 0.63 -27.97 4.96
C ILE C 430 1.98 -27.48 5.43
N TYR C 431 2.44 -28.03 6.55
CA TYR C 431 3.75 -27.74 7.11
C TYR C 431 4.07 -28.90 8.06
N HIS C 432 4.30 -30.07 7.46
CA HIS C 432 4.22 -31.35 8.14
C HIS C 432 5.30 -32.28 7.62
N LEU C 433 5.80 -33.14 8.51
CA LEU C 433 6.75 -34.16 8.12
C LEU C 433 6.03 -35.39 7.58
N ILE C 434 6.63 -36.02 6.57
CA ILE C 434 6.15 -37.28 6.00
C ILE C 434 7.29 -38.29 6.00
N GLU C 435 7.00 -39.51 6.43
N GLU C 435 6.98 -39.51 6.44
CA GLU C 435 8.01 -40.55 6.40
CA GLU C 435 8.02 -40.56 6.43
C GLU C 435 8.41 -40.82 4.95
C GLU C 435 8.43 -40.78 4.98
N ALA C 436 9.72 -40.97 4.73
CA ALA C 436 10.20 -41.19 3.37
C ALA C 436 9.72 -42.54 2.84
N SER C 437 9.49 -42.60 1.53
CA SER C 437 9.03 -43.81 0.87
C SER C 437 9.56 -43.81 -0.56
N ASP C 438 9.42 -44.95 -1.24
CA ASP C 438 9.85 -45.00 -2.63
C ASP C 438 9.10 -43.98 -3.48
N ALA C 439 7.81 -43.77 -3.18
CA ALA C 439 7.00 -42.83 -3.95
C ALA C 439 7.50 -41.40 -3.81
N LEU C 440 8.24 -41.10 -2.74
CA LEU C 440 8.73 -39.75 -2.47
C LEU C 440 10.17 -39.53 -2.92
N ARG C 441 10.77 -40.50 -3.58
CA ARG C 441 12.13 -40.33 -4.09
C ARG C 441 12.18 -39.15 -5.03
N PHE C 442 13.24 -38.35 -4.93
CA PHE C 442 13.47 -37.22 -5.83
C PHE C 442 14.39 -37.71 -6.94
N ASP C 443 13.90 -37.73 -8.17
CA ASP C 443 14.70 -38.21 -9.31
C ASP C 443 15.09 -37.05 -10.21
N PHE C 444 16.34 -37.03 -10.64
CA PHE C 444 16.88 -35.98 -11.48
C PHE C 444 16.69 -36.30 -12.96
N HIS C 445 16.66 -35.24 -13.78
CA HIS C 445 16.72 -35.39 -15.22
C HIS C 445 17.76 -34.43 -15.75
N ILE C 446 18.69 -34.93 -16.54
CA ILE C 446 19.73 -34.08 -17.11
C ILE C 446 19.37 -33.74 -18.55
N GLU C 447 19.45 -32.47 -18.89
CA GLU C 447 19.32 -32.01 -20.26
C GLU C 447 20.59 -31.26 -20.66
N GLN C 448 20.93 -31.34 -21.95
CA GLN C 448 22.10 -30.68 -22.50
C GLN C 448 21.67 -29.32 -23.03
N VAL C 449 22.07 -28.26 -22.35
CA VAL C 449 21.76 -26.88 -22.73
C VAL C 449 22.79 -26.41 -23.73
N THR C 450 22.31 -25.83 -24.85
CA THR C 450 23.22 -25.32 -25.87
C THR C 450 22.79 -23.89 -26.20
N PRO C 451 23.60 -23.16 -26.98
CA PRO C 451 23.20 -21.79 -27.37
C PRO C 451 21.93 -21.75 -28.21
N GLU C 452 21.49 -22.88 -28.75
CA GLU C 452 20.27 -22.95 -29.55
C GLU C 452 19.15 -23.71 -28.84
N GLY C 453 19.30 -24.00 -27.55
CA GLY C 453 18.29 -24.67 -26.77
C GLY C 453 18.75 -26.03 -26.29
N VAL C 454 17.80 -26.79 -25.74
CA VAL C 454 18.09 -28.15 -25.31
C VAL C 454 18.36 -29.02 -26.53
N GLN C 455 19.49 -29.71 -26.53
CA GLN C 455 19.82 -30.63 -27.60
C GLN C 455 19.73 -32.05 -27.08
N ALA C 456 19.05 -32.91 -27.81
CA ALA C 456 18.88 -34.30 -27.42
C ALA C 456 20.23 -34.96 -27.22
N MET D 1 23.12 -2.50 40.98
CA MET D 1 23.50 -1.62 39.84
C MET D 1 22.68 -1.99 38.61
N LYS D 2 21.91 -1.03 38.10
CA LYS D 2 21.13 -1.27 36.90
C LYS D 2 22.06 -1.21 35.69
N GLN D 3 21.92 -2.20 34.80
CA GLN D 3 22.71 -2.27 33.58
C GLN D 3 21.80 -2.70 32.43
N SER D 4 21.78 -1.92 31.37
CA SER D 4 20.86 -2.23 30.27
C SER D 4 21.35 -3.41 29.45
N LEU D 5 20.40 -4.20 28.96
CA LEU D 5 20.72 -5.25 28.01
C LEU D 5 21.34 -4.66 26.74
N CYS D 6 20.85 -3.51 26.31
CA CYS D 6 21.39 -2.91 25.09
C CYS D 6 22.89 -2.65 25.21
N SER D 7 23.36 -2.28 26.40
CA SER D 7 24.79 -2.01 26.55
C SER D 7 25.64 -3.27 26.48
N LEU D 8 25.01 -4.46 26.54
CA LEU D 8 25.74 -5.71 26.60
C LEU D 8 25.61 -6.54 25.33
N ALA D 9 24.55 -6.32 24.55
CA ALA D 9 24.21 -7.20 23.45
C ALA D 9 24.71 -6.62 22.13
N GLN D 10 25.35 -7.47 21.33
CA GLN D 10 25.69 -7.10 19.95
C GLN D 10 24.51 -7.30 19.01
N VAL D 11 23.64 -8.26 19.30
CA VAL D 11 22.49 -8.60 18.48
C VAL D 11 21.28 -8.73 19.40
N ILE D 12 20.18 -8.06 19.03
CA ILE D 12 18.88 -8.21 19.66
C ILE D 12 17.89 -8.17 18.52
N ARG D 13 17.23 -9.30 18.24
CA ARG D 13 16.47 -9.37 16.99
C ARG D 13 15.38 -10.42 17.06
N SER D 14 14.43 -10.33 16.14
CA SER D 14 13.42 -11.37 15.93
C SER D 14 13.49 -11.90 14.50
N LYS D 15 13.00 -13.13 14.34
CA LYS D 15 12.72 -13.66 13.01
C LYS D 15 11.78 -14.84 13.18
N ASN D 16 11.07 -15.19 12.12
CA ASN D 16 10.38 -16.46 12.12
C ASN D 16 11.35 -17.61 12.29
N ALA D 17 10.85 -18.70 12.84
CA ALA D 17 11.45 -20.04 12.70
C ALA D 17 10.36 -20.89 12.06
N GLY D 18 10.17 -20.71 10.76
CA GLY D 18 9.02 -21.27 10.09
C GLY D 18 7.80 -20.40 10.29
N PRO D 19 6.70 -20.74 9.61
CA PRO D 19 5.52 -19.87 9.64
C PRO D 19 4.80 -19.81 10.98
N TYR D 20 5.08 -20.73 11.91
CA TYR D 20 4.30 -20.91 13.12
C TYR D 20 4.99 -20.43 14.38
N GLU D 21 6.26 -20.01 14.29
CA GLU D 21 7.05 -19.73 15.46
C GLU D 21 7.83 -18.44 15.27
N LEU D 22 7.97 -17.69 16.37
CA LEU D 22 8.78 -16.48 16.42
C LEU D 22 9.92 -16.70 17.40
N VAL D 23 11.14 -16.39 16.97
CA VAL D 23 12.32 -16.54 17.81
C VAL D 23 12.99 -15.20 17.99
N LEU D 24 13.48 -14.95 19.19
CA LEU D 24 14.19 -13.74 19.56
C LEU D 24 15.61 -14.15 19.93
N ASP D 25 16.59 -13.58 19.23
CA ASP D 25 17.99 -13.92 19.48
C ASP D 25 18.66 -12.73 20.15
N ILE D 26 19.38 -13.02 21.24
CA ILE D 26 20.20 -12.03 21.93
C ILE D 26 21.61 -12.61 21.97
N LEU D 27 22.56 -11.92 21.33
CA LEU D 27 23.96 -12.37 21.36
C LEU D 27 24.81 -11.33 22.06
N PHE D 28 25.58 -11.77 23.04
CA PHE D 28 26.39 -10.88 23.87
C PHE D 28 27.77 -10.67 23.27
N LYS D 29 28.32 -9.48 23.55
CA LYS D 29 29.66 -9.16 23.07
C LYS D 29 30.69 -10.09 23.72
N THR D 30 30.53 -10.39 25.01
CA THR D 30 31.50 -11.18 25.75
C THR D 30 30.86 -12.35 26.47
N ARG D 31 31.63 -13.43 26.60
CA ARG D 31 31.24 -14.53 27.49
C ARG D 31 31.07 -14.06 28.93
N GLU D 32 31.94 -13.16 29.39
CA GLU D 32 31.83 -12.65 30.75
C GLU D 32 30.43 -12.10 31.01
N ASP D 33 29.91 -11.30 30.07
CA ASP D 33 28.61 -10.66 30.28
C ASP D 33 27.46 -11.64 30.10
N TYR D 34 27.55 -12.50 29.08
CA TYR D 34 26.58 -13.57 28.91
C TYR D 34 26.43 -14.41 30.17
N GLN D 35 27.56 -14.82 30.76
CA GLN D 35 27.49 -15.65 31.96
C GLN D 35 26.90 -14.89 33.13
N ARG D 36 27.22 -13.61 33.27
CA ARG D 36 26.65 -12.82 34.36
C ARG D 36 25.13 -12.74 34.23
N VAL D 37 24.64 -12.51 33.02
CA VAL D 37 23.19 -12.48 32.79
C VAL D 37 22.59 -13.86 33.04
N LYS D 38 23.22 -14.91 32.50
CA LYS D 38 22.68 -16.26 32.64
C LYS D 38 22.58 -16.64 34.11
N ARG D 39 23.66 -16.44 34.87
CA ARG D 39 23.72 -16.90 36.25
C ARG D 39 22.85 -16.04 37.16
N SER D 40 22.48 -14.84 36.73
CA SER D 40 21.60 -13.97 37.52
C SER D 40 20.17 -14.48 37.57
N GLU D 41 19.75 -15.26 36.57
CA GLU D 41 18.41 -15.80 36.50
C GLU D 41 17.34 -14.72 36.38
N GLN D 42 17.72 -13.53 35.88
CA GLN D 42 16.79 -12.43 35.74
C GLN D 42 16.06 -12.40 34.41
N LEU D 43 16.55 -13.11 33.40
CA LEU D 43 15.89 -13.14 32.09
C LEU D 43 14.92 -14.30 32.08
N THR D 44 13.72 -14.06 32.61
CA THR D 44 12.74 -15.10 32.91
C THR D 44 11.61 -15.07 31.91
N PRO D 45 10.86 -16.17 31.80
CA PRO D 45 9.64 -16.11 30.97
C PRO D 45 8.67 -15.04 31.44
N GLN D 46 8.58 -14.81 32.74
CA GLN D 46 7.67 -13.76 33.29
C GLN D 46 8.09 -12.39 32.76
N LEU D 47 9.38 -12.10 32.79
CA LEU D 47 9.86 -10.82 32.29
C LEU D 47 9.47 -10.64 30.83
N ILE D 48 9.82 -11.60 29.98
CA ILE D 48 9.52 -11.51 28.56
C ILE D 48 8.03 -11.42 28.32
N ALA D 49 7.25 -12.25 29.00
CA ALA D 49 5.81 -12.26 28.77
C ALA D 49 5.20 -10.89 29.05
N GLY D 50 5.63 -10.24 30.13
CA GLY D 50 5.12 -8.92 30.46
C GLY D 50 5.49 -7.89 29.42
N LEU D 51 6.72 -7.96 28.91
CA LEU D 51 7.18 -7.03 27.89
C LEU D 51 6.38 -7.14 26.59
N TYR D 52 5.88 -8.34 26.28
CA TYR D 52 5.19 -8.60 25.03
C TYR D 52 3.68 -8.68 25.17
N ASN D 53 3.15 -8.48 26.38
CA ASN D 53 1.71 -8.51 26.61
C ASN D 53 1.13 -9.89 26.31
N VAL D 54 1.82 -10.93 26.79
CA VAL D 54 1.36 -12.34 26.69
C VAL D 54 1.46 -12.97 28.08
N LYS D 55 0.81 -14.10 28.28
CA LYS D 55 0.84 -14.85 29.56
C LYS D 55 2.19 -15.58 29.68
N PRO D 56 2.79 -15.74 30.88
CA PRO D 56 4.05 -16.48 31.04
C PRO D 56 4.16 -17.80 30.29
N ASP D 57 3.04 -18.53 30.24
CA ASP D 57 3.01 -19.89 29.63
C ASP D 57 3.07 -19.79 28.09
N PHE D 58 2.81 -18.61 27.54
CA PHE D 58 2.96 -18.43 26.11
C PHE D 58 4.42 -18.57 25.66
N ILE D 59 5.36 -18.19 26.52
CA ILE D 59 6.78 -18.37 26.22
C ILE D 59 7.09 -19.86 26.19
N HIS D 60 7.49 -20.35 25.03
CA HIS D 60 7.73 -21.81 24.88
C HIS D 60 9.06 -22.21 25.53
N ARG D 61 10.15 -21.57 25.13
CA ARG D 61 11.46 -21.95 25.64
C ARG D 61 12.36 -20.73 25.69
N ILE D 62 13.25 -20.73 26.67
CA ILE D 62 14.39 -19.82 26.71
C ILE D 62 15.63 -20.71 26.74
N ILE D 63 16.46 -20.60 25.70
CA ILE D 63 17.55 -21.53 25.46
C ILE D 63 18.87 -20.78 25.59
N TRP D 64 19.75 -21.28 26.46
CA TRP D 64 21.01 -20.62 26.74
C TRP D 64 22.09 -21.36 25.95
N PHE D 65 22.52 -20.77 24.84
CA PHE D 65 23.40 -21.43 23.89
C PHE D 65 24.84 -20.98 24.20
N ASP D 66 25.49 -21.71 25.10
CA ASP D 66 26.81 -21.30 25.59
C ASP D 66 27.85 -21.13 24.49
N PRO D 67 27.91 -21.97 23.45
CA PRO D 67 29.00 -21.84 22.48
C PRO D 67 28.96 -20.51 21.72
N ALA D 68 27.81 -19.83 21.72
CA ALA D 68 27.65 -18.56 21.03
C ALA D 68 27.46 -17.38 21.97
N ASN D 69 27.53 -17.60 23.29
CA ASN D 69 27.21 -16.54 24.25
C ASN D 69 25.87 -15.88 23.90
N ALA D 70 24.90 -16.73 23.56
CA ALA D 70 23.64 -16.28 22.99
C ALA D 70 22.49 -16.91 23.75
N VAL D 71 21.37 -16.20 23.82
CA VAL D 71 20.14 -16.75 24.35
C VAL D 71 19.05 -16.59 23.31
N LYS D 72 18.25 -17.64 23.12
CA LYS D 72 17.16 -17.62 22.17
C LYS D 72 15.84 -17.81 22.92
N ILE D 73 14.90 -16.91 22.68
CA ILE D 73 13.54 -17.01 23.23
C ILE D 73 12.62 -17.50 22.12
N VAL D 74 11.80 -18.51 22.41
CA VAL D 74 10.93 -19.13 21.43
C VAL D 74 9.47 -18.98 21.87
N MET D 75 8.64 -18.47 20.98
CA MET D 75 7.20 -18.30 21.17
C MET D 75 6.48 -18.78 19.92
N PRO D 76 5.26 -19.28 20.06
CA PRO D 76 4.44 -19.46 18.86
C PRO D 76 4.04 -18.10 18.31
N ARG D 77 3.82 -18.04 17.01
CA ARG D 77 3.23 -16.86 16.40
C ARG D 77 1.71 -16.91 16.61
N ASP D 78 1.14 -15.83 17.14
CA ASP D 78 -0.31 -15.83 17.31
C ASP D 78 -1.06 -15.53 16.01
N ILE D 79 -0.34 -15.15 14.96
CA ILE D 79 -0.86 -15.07 13.61
C ILE D 79 0.11 -15.83 12.73
N ILE D 80 -0.36 -16.91 12.08
CA ILE D 80 0.54 -17.66 11.21
C ILE D 80 1.05 -16.73 10.11
N SER D 81 2.31 -16.88 9.74
CA SER D 81 2.93 -16.02 8.73
C SER D 81 2.10 -15.98 7.46
N GLY D 82 1.70 -14.78 7.07
CA GLY D 82 0.93 -14.59 5.86
C GLY D 82 -0.57 -14.73 6.02
N ASN D 83 -1.05 -15.13 7.20
CA ASN D 83 -2.48 -15.22 7.42
C ASN D 83 -3.12 -13.85 7.27
N VAL D 84 -4.41 -13.85 6.91
CA VAL D 84 -5.15 -12.61 6.92
C VAL D 84 -5.01 -11.97 8.29
N GLY D 85 -4.70 -10.67 8.29
CA GLY D 85 -4.52 -9.94 9.53
C GLY D 85 -3.10 -9.86 10.03
N ASP D 86 -2.14 -10.46 9.32
CA ASP D 86 -0.77 -10.46 9.79
C ASP D 86 -0.22 -9.04 9.80
N ASN D 87 0.78 -8.83 10.66
CA ASN D 87 1.52 -7.58 10.73
C ASN D 87 2.97 -7.68 10.30
N ASP D 88 3.52 -8.89 10.22
CA ASP D 88 4.96 -9.01 10.03
C ASP D 88 5.21 -10.42 9.46
N VAL D 89 5.12 -10.55 8.14
CA VAL D 89 5.10 -11.87 7.52
C VAL D 89 6.40 -12.62 7.82
N TYR D 90 7.55 -11.93 7.74
CA TYR D 90 8.84 -12.57 8.01
C TYR D 90 9.20 -12.63 9.48
N GLY D 91 8.42 -12.01 10.36
CA GLY D 91 8.72 -11.96 11.77
C GLY D 91 9.95 -11.15 12.12
N ALA D 92 10.28 -10.14 11.32
CA ALA D 92 11.60 -9.53 11.38
C ALA D 92 11.71 -8.30 12.27
N GLN D 93 10.60 -7.76 12.79
CA GLN D 93 10.67 -6.51 13.52
C GLN D 93 9.85 -6.57 14.81
N GLN D 94 10.03 -7.66 15.55
CA GLN D 94 9.29 -7.92 16.78
C GLN D 94 10.16 -7.81 18.02
N HIS D 95 11.36 -7.25 17.90
CA HIS D 95 12.35 -7.22 18.97
C HIS D 95 12.22 -6.03 19.91
N ALA D 96 11.46 -5.00 19.58
CA ALA D 96 11.59 -3.75 20.33
C ALA D 96 11.35 -3.87 21.83
N PRO D 97 10.40 -4.69 22.33
CA PRO D 97 10.22 -4.75 23.79
C PRO D 97 11.47 -5.15 24.54
N LEU D 98 12.36 -5.95 23.94
CA LEU D 98 13.59 -6.35 24.62
C LEU D 98 14.53 -5.18 24.86
N LEU D 99 14.41 -4.11 24.09
CA LEU D 99 15.32 -2.97 24.21
C LEU D 99 15.17 -2.24 25.52
N SER D 100 14.09 -2.48 26.27
CA SER D 100 13.86 -1.81 27.54
C SER D 100 14.44 -2.59 28.72
N ILE D 101 15.02 -3.76 28.49
CA ILE D 101 15.42 -4.63 29.59
C ILE D 101 16.61 -4.03 30.34
N GLU D 102 16.50 -4.02 31.66
CA GLU D 102 17.58 -3.60 32.54
C GLU D 102 17.79 -4.70 33.56
N PHE D 103 19.04 -5.07 33.78
CA PHE D 103 19.38 -6.00 34.84
C PHE D 103 19.84 -5.25 36.08
N ASP D 104 19.86 -5.96 37.19
CA ASP D 104 20.30 -5.40 38.47
C ASP D 104 21.43 -6.28 38.99
N PHE D 105 22.67 -5.78 38.92
CA PHE D 105 23.82 -6.59 39.27
C PHE D 105 24.56 -6.09 40.51
PB ADP E . -15.64 18.89 -9.04
O1B ADP E . -14.27 18.59 -9.45
O2B ADP E . -16.52 17.92 -9.65
O3B ADP E . -15.83 19.08 -7.63
PA ADP E . -16.78 21.59 -9.66
O1A ADP E . -17.41 21.70 -8.37
O2A ADP E . -17.70 21.66 -10.80
O3A ADP E . -15.94 20.25 -9.84
O5' ADP E . -15.65 22.69 -9.81
C5' ADP E . -14.99 22.83 -11.04
C4' ADP E . -14.06 24.02 -10.96
O4' ADP E . -13.44 24.20 -12.25
C3' ADP E . -14.74 25.36 -10.67
O3' ADP E . -14.83 25.60 -9.29
C2' ADP E . -13.78 26.34 -11.34
O2' ADP E . -12.65 26.62 -10.56
C1' ADP E . -13.38 25.56 -12.58
N9 ADP E . -14.24 25.79 -13.74
C8 ADP E . -15.10 24.89 -14.30
N7 ADP E . -15.72 25.35 -15.36
C5 ADP E . -15.24 26.63 -15.50
C6 ADP E . -15.51 27.65 -16.44
N6 ADP E . -16.35 27.51 -17.46
N1 ADP E . -14.85 28.82 -16.29
C2 ADP E . -13.99 28.95 -15.27
N3 ADP E . -13.66 28.06 -14.34
C4 ADP E . -14.32 26.91 -14.51
H5'1 ADP E . -15.66 22.97 -11.76
H5'2 ADP E . -14.47 22.01 -11.24
H4' ADP E . -13.38 23.83 -10.30
H3' ADP E . -15.63 25.40 -11.10
H2' ADP E . -14.26 27.18 -11.60
HO2' ADP E . -12.70 27.41 -10.28
H1' ADP E . -12.46 25.80 -12.83
H8 ADP E . -15.23 24.03 -13.97
HN61 ADP E . -16.24 27.99 -18.18
HN62 ADP E . -17.00 26.93 -17.40
H2 ADP E . -13.55 29.78 -15.22
MG MG F . -18.20 17.09 -8.62
MG MG G . -17.45 20.28 -6.76
C PYR H . -14.53 15.02 -2.26
C PYR H . -13.96 14.95 -2.36
O PYR H . -13.53 15.13 -1.53
O PYR H . -13.76 15.10 -1.07
OXT PYR H . -15.27 16.00 -2.51
OXT PYR H . -13.63 15.76 -3.23
CA PYR H . -14.88 13.65 -2.85
CA PYR H . -14.66 13.69 -2.88
O3 PYR H . -15.19 12.81 -2.13
O3 PYR H . -14.97 12.87 -2.13
CB PYR H . -14.82 13.41 -4.34
CB PYR H . -14.83 13.52 -4.39
HB1 PYR H . -15.65 13.71 -4.75
HB1 PYR H . -15.66 13.93 -4.66
HB2 PYR H . -14.08 13.90 -4.72
HB2 PYR H . -14.08 13.93 -4.84
HB3 PYR H . -14.71 12.47 -4.51
HB3 PYR H . -14.86 12.57 -4.59
O1 MES I . -30.97 37.43 -2.61
C2 MES I . -31.85 38.37 -2.09
C3 MES I . -33.13 38.37 -2.91
N4 MES I . -32.81 38.77 -4.27
C5 MES I . -31.80 37.89 -4.81
C6 MES I . -30.59 37.85 -3.88
C7 MES I . -34.03 38.70 -5.05
C8 MES I . -33.82 39.43 -6.36
S MES I . -35.42 39.83 -7.11
O1S MES I . -36.27 38.68 -7.36
O2S MES I . -36.20 40.73 -6.30
O3S MES I . -35.24 40.48 -8.40
H21 MES I . -31.45 39.24 -2.13
H22 MES I . -32.07 38.14 -1.17
H31 MES I . -33.52 37.48 -2.93
H32 MES I . -33.75 39.01 -2.53
HN4 MES I . -32.51 39.60 -4.26
H51 MES I . -31.52 38.22 -5.68
H52 MES I . -32.17 36.99 -4.89
H61 MES I . -30.20 38.74 -3.82
H62 MES I . -29.93 37.22 -4.24
H71 MES I . -34.25 37.76 -5.23
H72 MES I . -34.76 39.11 -4.56
H81 MES I . -33.33 40.26 -6.20
H82 MES I . -33.32 38.87 -6.97
O1 MES J . -23.31 31.10 -25.23
C2 MES J . -24.60 30.89 -24.77
C3 MES J . -24.87 29.49 -24.21
N4 MES J . -24.44 28.49 -25.13
C5 MES J . -23.07 28.73 -25.47
C6 MES J . -22.91 30.11 -26.11
C7 MES J . -24.65 27.21 -24.50
C8 MES J . -24.45 26.10 -25.50
S MES J . -24.43 24.55 -24.60
O1S MES J . -24.45 23.46 -25.48
O2S MES J . -23.27 24.47 -23.79
O3S MES J . -25.54 24.38 -23.78
H21 MES J . -25.22 31.05 -25.50
H22 MES J . -24.78 31.54 -24.07
H31 MES J . -25.81 29.39 -24.04
H32 MES J . -24.37 29.39 -23.38
HN4 MES J . -24.94 28.54 -25.86
H51 MES J . -22.52 28.69 -24.67
H52 MES J . -22.77 28.06 -26.10
H61 MES J . -23.47 30.16 -26.90
H62 MES J . -21.99 30.25 -26.35
H71 MES J . -25.56 27.17 -24.16
H72 MES J . -24.02 27.10 -23.76
H81 MES J . -23.60 26.23 -25.94
H82 MES J . -25.17 26.10 -26.14
CL CL K . 5.86 -4.95 -19.30
PB ADP L . 14.06 -21.79 4.23
O1B ADP L . 14.89 -20.85 4.99
O2B ADP L . 12.64 -21.58 4.51
O3B ADP L . 14.29 -21.86 2.85
PA ADP L . 15.46 -24.06 5.54
O1A ADP L . 15.78 -25.26 4.74
O2A ADP L . 16.59 -23.23 5.96
O3A ADP L . 14.32 -23.27 4.75
O5' ADP L . 14.71 -24.49 6.83
C5' ADP L . 13.69 -25.47 6.77
C4' ADP L . 13.26 -25.81 8.18
O4' ADP L . 12.18 -26.75 8.10
C3' ADP L . 14.32 -26.46 9.07
O3' ADP L . 15.00 -25.48 9.84
C2' ADP L . 13.46 -27.32 10.00
O2' ADP L . 12.88 -26.58 11.04
C1' ADP L . 12.36 -27.76 9.06
N9 ADP L . 12.66 -29.01 8.36
C8 ADP L . 12.89 -29.17 7.03
N7 ADP L . 13.09 -30.42 6.70
C5 ADP L . 12.93 -31.12 7.88
C6 ADP L . 13.00 -32.49 8.18
N6 ADP L . 13.21 -33.43 7.28
N1 ADP L . 12.78 -32.84 9.46
C2 ADP L . 12.56 -31.89 10.36
N3 ADP L . 12.48 -30.58 10.20
C4 ADP L . 12.67 -30.25 8.91
H5'1 ADP L . 14.02 -26.29 6.33
H5'2 ADP L . 12.91 -25.14 6.26
H4' ADP L . 12.93 -24.97 8.61
H3' ADP L . 14.95 -27.01 8.55
H2' ADP L . 13.98 -28.08 10.34
HO2' ADP L . 13.26 -26.79 11.78
H1' ADP L . 11.53 -27.88 9.58
H8 ADP L . 12.92 -28.46 6.42
HN61 ADP L . 13.66 -33.25 6.55
HN62 ADP L . 12.90 -34.24 7.42
H2 ADP L . 12.42 -32.19 11.25
MG MG M . 15.97 -21.07 1.73
MG MG N . 17.02 -21.20 5.45
C PYR O . 14.94 -13.99 4.53
C PYR O . 14.53 -13.91 4.38
O PYR O . 15.60 -14.98 4.95
O PYR O . 14.01 -14.96 4.85
OXT PYR O . 14.60 -13.10 5.32
OXT PYR O . 14.88 -12.98 5.14
CA PYR O . 14.65 -13.88 3.05
CA PYR O . 14.69 -13.81 2.89
O3 PYR O . 15.04 -12.95 2.47
O3 PYR O . 15.21 -12.88 2.35
CB PYR O . 13.89 -15.00 2.33
CB PYR O . 14.11 -14.94 2.05
HB1 PYR O . 14.50 -15.71 2.12
HB1 PYR O . 14.76 -15.67 1.99
HB2 PYR O . 13.18 -15.33 2.91
HB2 PYR O . 13.30 -15.26 2.45
HB3 PYR O . 13.51 -14.65 1.52
HB3 PYR O . 13.92 -14.62 1.15
O1 MES P . 16.74 -43.13 3.61
C2 MES P . 17.81 -43.33 2.79
C3 MES P . 17.95 -42.13 1.87
N4 MES P . 16.81 -42.09 0.99
C5 MES P . 15.61 -42.05 1.79
C6 MES P . 15.62 -43.18 2.82
C7 MES P . 16.92 -40.91 0.18
C8 MES P . 16.01 -40.99 -1.04
S MES P . 16.09 -39.40 -1.88
O1S MES P . 17.35 -39.03 -2.25
O2S MES P . 15.46 -38.40 -1.11
O3S MES P . 15.44 -39.42 -3.11
H21 MES P . 17.68 -44.13 2.25
H22 MES P . 18.62 -43.42 3.32
H31 MES P . 18.76 -42.21 1.34
H32 MES P . 17.98 -41.31 2.40
HN4 MES P . 16.79 -42.81 0.47
H51 MES P . 15.57 -41.20 2.25
H52 MES P . 14.84 -42.15 1.21
H61 MES P . 15.58 -44.03 2.35
H62 MES P . 14.83 -43.09 3.38
H71 MES P . 17.84 -40.80 -0.11
H72 MES P . 16.66 -40.13 0.71
H81 MES P . 15.10 -41.17 -0.77
H82 MES P . 16.32 -41.69 -1.64
O1 MES Q . 36.53 -22.57 36.82
C2 MES Q . 35.65 -21.64 37.33
C3 MES Q . 34.37 -21.63 36.51
N4 MES Q . 34.69 -21.24 35.17
C5 MES Q . 35.70 -22.12 34.63
C6 MES Q . 36.91 -22.16 35.55
C7 MES Q . 33.47 -21.31 34.39
C8 MES Q . 33.68 -20.57 33.07
S MES Q . 32.08 -20.17 32.32
O1S MES Q . 31.31 -19.27 33.13
O2S MES Q . 31.23 -21.33 32.07
O3S MES Q . 32.27 -19.53 31.04
H21 MES Q . 36.06 -20.76 37.30
H22 MES Q . 35.43 -21.88 38.25
H31 MES Q . 33.98 -22.51 36.50
H32 MES Q . 33.74 -20.99 36.90
HN4 MES Q . 34.99 -20.40 35.17
H51 MES Q . 35.98 -21.79 33.76
H52 MES Q . 35.34 -23.01 34.54
H61 MES Q . 37.30 -21.27 35.61
H62 MES Q . 37.57 -22.77 35.20
H71 MES Q . 33.26 -22.24 34.20
H72 MES Q . 32.75 -20.90 34.87
H81 MES Q . 34.17 -19.75 33.24
H82 MES Q . 34.19 -21.14 32.46
#